data_3O2O
#
_entry.id   3O2O
#
_cell.length_a   171.910
_cell.length_b   155.870
_cell.length_c   71.230
_cell.angle_alpha   90.000
_cell.angle_beta   114.640
_cell.angle_gamma   90.000
#
_symmetry.space_group_name_H-M   'C 1 2 1'
#
_entity_poly.entity_id   1
_entity_poly.type   'polypeptide(L)'
_entity_poly.pdbx_seq_one_letter_code
;LKPPSMYKVILVNDDYTPMEFVIDVLQKFFSYDVERATQLMLAVHYQGKAICGVFTAEVAETKVAMVNKYARENEHPLLC
TLEKA
;
_entity_poly.pdbx_strand_id   A,B,C,D,E,F,G,H
#
# COMPACT_ATOMS: atom_id res chain seq x y z
N LEU A 1 -9.37 -26.41 49.03
CA LEU A 1 -8.64 -25.20 48.67
C LEU A 1 -8.94 -24.09 49.66
N LYS A 2 -8.37 -22.91 49.45
CA LYS A 2 -8.57 -21.79 50.35
C LYS A 2 -9.28 -20.65 49.64
N PRO A 3 -10.53 -20.35 50.06
CA PRO A 3 -11.27 -19.25 49.45
C PRO A 3 -10.56 -17.94 49.72
N PRO A 4 -10.87 -16.90 48.92
CA PRO A 4 -10.23 -15.59 49.11
C PRO A 4 -10.62 -14.89 50.42
N SER A 5 -9.63 -14.36 51.14
CA SER A 5 -9.86 -13.42 52.24
C SER A 5 -9.66 -12.00 51.73
N MET A 6 -10.68 -11.18 51.90
CA MET A 6 -10.67 -9.84 51.35
C MET A 6 -10.34 -8.83 52.43
N TYR A 7 -9.43 -7.92 52.11
CA TYR A 7 -9.01 -6.89 53.03
C TYR A 7 -9.23 -5.52 52.44
N LYS A 8 -9.72 -4.61 53.27
CA LYS A 8 -9.85 -3.23 52.89
C LYS A 8 -8.48 -2.57 52.95
N VAL A 9 -8.15 -1.81 51.92
CA VAL A 9 -6.98 -0.96 51.94
C VAL A 9 -7.43 0.47 52.16
N ILE A 10 -7.05 1.05 53.30
CA ILE A 10 -7.57 2.35 53.72
C ILE A 10 -6.49 3.42 53.79
N LEU A 11 -6.87 4.64 53.45
CA LEU A 11 -5.99 5.79 53.62
C LEU A 11 -6.45 6.62 54.80
N VAL A 12 -5.49 6.99 55.65
CA VAL A 12 -5.81 7.70 56.87
C VAL A 12 -5.32 9.15 56.82
N ASN A 13 -6.17 10.05 57.31
CA ASN A 13 -5.97 11.48 57.19
C ASN A 13 -4.88 12.02 58.12
N ASP A 14 -4.03 12.88 57.56
CA ASP A 14 -3.02 13.57 58.32
C ASP A 14 -2.91 14.99 57.76
N ASP A 15 -2.66 15.95 58.63
CA ASP A 15 -2.69 17.37 58.26
C ASP A 15 -1.54 17.81 57.38
N TYR A 16 -0.47 17.02 57.35
CA TYR A 16 0.78 17.46 56.73
C TYR A 16 0.99 17.01 55.28
N THR A 17 0.06 16.23 54.74
CA THR A 17 0.27 15.63 53.43
C THR A 17 -0.48 16.37 52.34
N PRO A 18 0.23 16.73 51.26
CA PRO A 18 -0.43 17.42 50.14
C PRO A 18 -1.57 16.63 49.54
N MET A 19 -2.62 17.34 49.11
CA MET A 19 -3.73 16.68 48.46
C MET A 19 -3.29 16.14 47.10
N GLU A 20 -2.43 16.90 46.42
CA GLU A 20 -1.91 16.46 45.14
C GLU A 20 -1.26 15.10 45.29
N PHE A 21 -0.48 14.93 46.34
CA PHE A 21 0.25 13.69 46.54
C PHE A 21 -0.70 12.53 46.66
N VAL A 22 -1.77 12.72 47.42
CA VAL A 22 -2.75 11.65 47.65
C VAL A 22 -3.38 11.21 46.34
N ILE A 23 -3.72 12.16 45.50
CA ILE A 23 -4.26 11.86 44.18
C ILE A 23 -3.23 11.08 43.37
N ASP A 24 -2.00 11.58 43.35
CA ASP A 24 -0.89 10.93 42.67
C ASP A 24 -0.81 9.46 43.04
N VAL A 25 -0.95 9.19 44.34
CA VAL A 25 -0.92 7.83 44.85
C VAL A 25 -2.07 6.99 44.29
N LEU A 26 -3.26 7.56 44.28
CA LEU A 26 -4.45 6.82 43.91
C LEU A 26 -4.41 6.38 42.44
N GLN A 27 -3.92 7.24 41.57
CA GLN A 27 -3.80 6.92 40.16
C GLN A 27 -2.69 5.90 39.94
N LYS A 28 -1.62 6.07 40.69
CA LYS A 28 -0.40 5.29 40.51
C LYS A 28 -0.57 3.86 40.98
N PHE A 29 -1.15 3.69 42.17
CA PHE A 29 -1.24 2.38 42.79
C PHE A 29 -2.62 1.73 42.70
N PHE A 30 -3.64 2.51 42.35
CA PHE A 30 -4.99 1.97 42.25
C PHE A 30 -5.60 2.19 40.88
N SER A 31 -4.79 2.67 39.94
CA SER A 31 -5.22 2.84 38.56
C SER A 31 -6.57 3.55 38.48
N TYR A 32 -6.77 4.48 39.41
CA TYR A 32 -7.97 5.31 39.39
C TYR A 32 -7.80 6.44 38.39
N ASP A 33 -8.89 6.82 37.74
CA ASP A 33 -8.88 8.00 36.90
C ASP A 33 -8.86 9.19 37.85
N VAL A 34 -8.53 10.37 37.32
CA VAL A 34 -8.38 11.54 38.17
C VAL A 34 -9.66 11.87 38.91
N GLU A 35 -10.80 11.76 38.24
CA GLU A 35 -12.06 12.22 38.81
C GLU A 35 -12.42 11.43 40.08
N ARG A 36 -12.28 10.12 40.02
CA ARG A 36 -12.60 9.29 41.17
C ARG A 36 -11.57 9.50 42.28
N ALA A 37 -10.32 9.65 41.89
CA ALA A 37 -9.23 9.83 42.85
C ALA A 37 -9.46 11.06 43.71
N THR A 38 -9.98 12.11 43.08
CA THR A 38 -10.26 13.34 43.79
C THR A 38 -11.32 13.13 44.84
N GLN A 39 -12.34 12.38 44.46
CA GLN A 39 -13.45 12.10 45.35
C GLN A 39 -12.95 11.39 46.59
N LEU A 40 -12.12 10.37 46.40
CA LEU A 40 -11.60 9.59 47.52
C LEU A 40 -10.73 10.45 48.41
N MET A 41 -9.98 11.36 47.81
CA MET A 41 -9.09 12.23 48.56
C MET A 41 -9.88 13.16 49.46
N LEU A 42 -10.97 13.69 48.93
CA LEU A 42 -11.84 14.57 49.70
C LEU A 42 -12.40 13.77 50.85
N ALA A 43 -12.71 12.51 50.58
CA ALA A 43 -13.23 11.64 51.62
C ALA A 43 -12.21 11.51 52.72
N VAL A 44 -10.93 11.38 52.34
CA VAL A 44 -9.88 11.24 53.34
C VAL A 44 -9.78 12.49 54.18
N HIS A 45 -9.89 13.64 53.53
CA HIS A 45 -9.70 14.92 54.19
C HIS A 45 -10.75 15.23 55.25
N TYR A 46 -12.01 14.93 54.96
CA TYR A 46 -13.10 15.31 55.85
C TYR A 46 -13.58 14.16 56.72
N GLN A 47 -13.74 12.99 56.13
CA GLN A 47 -14.11 11.79 56.88
C GLN A 47 -12.94 11.25 57.71
N GLY A 48 -11.72 11.63 57.34
CA GLY A 48 -10.54 11.23 58.09
C GLY A 48 -9.99 9.89 57.63
N LYS A 49 -10.69 9.27 56.69
CA LYS A 49 -10.27 7.99 56.14
C LYS A 49 -11.14 7.66 54.93
N ALA A 50 -10.63 6.80 54.06
CA ALA A 50 -11.37 6.39 52.88
C ALA A 50 -10.86 5.06 52.37
N ILE A 51 -11.77 4.14 52.07
CA ILE A 51 -11.41 2.84 51.52
C ILE A 51 -11.13 2.98 50.03
N CYS A 52 -9.91 2.65 49.64
CA CYS A 52 -9.44 2.83 48.28
C CYS A 52 -9.69 1.61 47.41
N GLY A 53 -9.65 0.43 48.03
CA GLY A 53 -9.88 -0.79 47.30
C GLY A 53 -10.11 -1.97 48.21
N VAL A 54 -10.60 -3.05 47.64
CA VAL A 54 -10.75 -4.30 48.37
C VAL A 54 -10.04 -5.38 47.58
N PHE A 55 -9.02 -5.99 48.20
CA PHE A 55 -8.17 -6.94 47.51
C PHE A 55 -8.03 -8.20 48.34
N THR A 56 -7.47 -9.24 47.73
CA THR A 56 -7.16 -10.43 48.48
C THR A 56 -6.03 -10.08 49.43
N ALA A 57 -5.91 -10.83 50.53
CA ALA A 57 -4.91 -10.54 51.56
C ALA A 57 -3.51 -10.25 51.01
N GLU A 58 -3.00 -11.11 50.13
CA GLU A 58 -1.63 -10.97 49.64
C GLU A 58 -1.49 -9.72 48.80
N VAL A 59 -2.49 -9.44 47.96
CA VAL A 59 -2.45 -8.26 47.11
C VAL A 59 -2.53 -7.00 47.96
N ALA A 60 -3.29 -7.08 49.04
CA ALA A 60 -3.51 -5.94 49.92
C ALA A 60 -2.23 -5.60 50.68
N GLU A 61 -1.58 -6.62 51.24
CA GLU A 61 -0.32 -6.42 51.93
C GLU A 61 0.65 -5.67 51.03
N THR A 62 0.81 -6.18 49.82
CA THR A 62 1.73 -5.59 48.86
C THR A 62 1.42 -4.11 48.64
N LYS A 63 0.15 -3.80 48.40
CA LYS A 63 -0.27 -2.42 48.14
C LYS A 63 0.13 -1.50 49.29
N VAL A 64 -0.23 -1.91 50.50
CA VAL A 64 0.05 -1.11 51.68
C VAL A 64 1.54 -0.81 51.77
N ALA A 65 2.35 -1.85 51.68
CA ALA A 65 3.80 -1.70 51.79
C ALA A 65 4.36 -0.76 50.72
N MET A 66 3.84 -0.86 49.50
CA MET A 66 4.34 -0.06 48.39
C MET A 66 3.96 1.41 48.52
N VAL A 67 2.78 1.64 49.06
CA VAL A 67 2.27 2.99 49.24
C VAL A 67 3.08 3.70 50.32
N ASN A 68 3.24 3.04 51.46
CA ASN A 68 3.99 3.59 52.58
C ASN A 68 5.43 3.86 52.17
N LYS A 69 5.98 2.94 51.41
CA LYS A 69 7.32 3.08 50.87
C LYS A 69 7.39 4.36 50.04
N TYR A 70 6.42 4.52 49.15
CA TYR A 70 6.39 5.65 48.24
C TYR A 70 6.23 6.95 49.00
N ALA A 71 5.43 6.90 50.07
CA ALA A 71 5.16 8.07 50.88
C ALA A 71 6.43 8.53 51.59
N ARG A 72 7.13 7.58 52.20
CA ARG A 72 8.32 7.89 52.97
C ARG A 72 9.47 8.32 52.05
N GLU A 73 9.51 7.79 50.84
CA GLU A 73 10.51 8.19 49.86
C GLU A 73 10.32 9.65 49.48
N ASN A 74 9.07 10.10 49.51
CA ASN A 74 8.74 11.46 49.16
C ASN A 74 8.57 12.32 50.41
N GLU A 75 8.91 11.75 51.55
CA GLU A 75 8.99 12.50 52.80
C GLU A 75 7.63 13.03 53.24
N HIS A 76 6.63 12.14 53.23
CA HIS A 76 5.29 12.46 53.68
C HIS A 76 4.87 11.45 54.71
N PRO A 77 4.11 11.88 55.71
CA PRO A 77 3.67 10.99 56.78
C PRO A 77 2.41 10.19 56.43
N LEU A 78 1.94 10.34 55.21
CA LEU A 78 0.71 9.67 54.77
C LEU A 78 0.77 8.19 55.14
N LEU A 79 -0.33 7.69 55.70
CA LEU A 79 -0.37 6.31 56.17
C LEU A 79 -1.44 5.47 55.49
N CYS A 80 -1.05 4.26 55.10
CA CYS A 80 -1.97 3.31 54.50
C CYS A 80 -2.06 2.07 55.37
N THR A 81 -3.27 1.60 55.60
CA THR A 81 -3.50 0.49 56.53
C THR A 81 -4.38 -0.59 55.91
N LEU A 82 -4.37 -1.78 56.52
CA LEU A 82 -5.30 -2.84 56.14
C LEU A 82 -6.35 -3.02 57.21
N GLU A 83 -7.48 -3.56 56.81
CA GLU A 83 -8.48 -3.98 57.77
C GLU A 83 -9.28 -5.13 57.19
N LYS A 84 -9.37 -6.22 57.94
CA LYS A 84 -10.18 -7.35 57.55
C LYS A 84 -11.53 -6.83 57.08
N ALA A 85 -11.86 -7.12 55.82
CA ALA A 85 -13.14 -6.71 55.26
C ALA A 85 -14.29 -7.42 55.97
N LEU B 1 -2.52 -51.58 14.47
CA LEU B 1 -1.86 -50.31 14.73
C LEU B 1 -1.76 -50.06 16.22
N LYS B 2 -1.06 -49.00 16.58
CA LYS B 2 -0.94 -48.62 17.97
C LYS B 2 -1.94 -47.53 18.34
N PRO B 3 -2.88 -47.84 19.26
CA PRO B 3 -3.77 -46.81 19.78
C PRO B 3 -3.00 -45.91 20.71
N PRO B 4 -3.27 -44.59 20.68
CA PRO B 4 -2.58 -43.71 21.61
C PRO B 4 -2.87 -44.11 23.05
N SER B 5 -1.86 -44.02 23.91
CA SER B 5 -2.08 -44.26 25.33
C SER B 5 -2.55 -42.96 25.97
N MET B 6 -3.76 -42.97 26.52
CA MET B 6 -4.36 -41.77 27.05
C MET B 6 -4.23 -41.73 28.57
N TYR B 7 -3.84 -40.57 29.09
CA TYR B 7 -3.68 -40.39 30.53
C TYR B 7 -4.52 -39.23 31.04
N LYS B 8 -5.20 -39.46 32.15
CA LYS B 8 -5.93 -38.41 32.85
C LYS B 8 -4.94 -37.52 33.57
N VAL B 9 -5.11 -36.22 33.43
CA VAL B 9 -4.35 -35.27 34.21
C VAL B 9 -5.25 -34.74 35.32
N ILE B 10 -4.87 -35.02 36.56
CA ILE B 10 -5.73 -34.74 37.69
C ILE B 10 -5.12 -33.70 38.61
N LEU B 11 -5.98 -32.93 39.26
CA LEU B 11 -5.56 -32.00 40.31
C LEU B 11 -6.09 -32.49 41.65
N VAL B 12 -5.24 -32.45 42.67
CA VAL B 12 -5.61 -32.97 43.97
C VAL B 12 -5.79 -31.87 45.02
N ASN B 13 -6.80 -32.04 45.85
CA ASN B 13 -7.23 -31.03 46.81
C ASN B 13 -6.33 -30.92 48.04
N ASP B 14 -5.97 -29.69 48.37
CA ASP B 14 -5.28 -29.40 49.63
C ASP B 14 -5.82 -28.11 50.20
N ASP B 15 -5.71 -27.93 51.51
CA ASP B 15 -6.39 -26.84 52.20
C ASP B 15 -5.64 -25.51 52.14
N TYR B 16 -4.58 -25.43 51.33
CA TYR B 16 -3.71 -24.25 51.38
C TYR B 16 -3.52 -23.51 50.07
N THR B 17 -3.94 -24.13 48.96
CA THR B 17 -3.81 -23.48 47.67
C THR B 17 -5.01 -22.61 47.37
N PRO B 18 -4.77 -21.31 47.13
CA PRO B 18 -5.84 -20.38 46.79
C PRO B 18 -6.70 -20.89 45.64
N MET B 19 -8.00 -20.63 45.71
CA MET B 19 -8.89 -20.97 44.62
C MET B 19 -8.56 -20.14 43.39
N GLU B 20 -8.17 -18.90 43.61
CA GLU B 20 -7.71 -18.03 42.55
C GLU B 20 -6.63 -18.70 41.73
N PHE B 21 -5.65 -19.25 42.43
CA PHE B 21 -4.48 -19.84 41.79
C PHE B 21 -4.88 -21.00 40.88
N VAL B 22 -5.71 -21.90 41.41
CA VAL B 22 -6.15 -23.06 40.66
C VAL B 22 -6.79 -22.64 39.34
N ILE B 23 -7.63 -21.61 39.38
CA ILE B 23 -8.27 -21.10 38.17
C ILE B 23 -7.22 -20.54 37.21
N ASP B 24 -6.23 -19.86 37.77
CA ASP B 24 -5.14 -19.31 36.99
C ASP B 24 -4.48 -20.44 36.21
N VAL B 25 -4.22 -21.53 36.92
CA VAL B 25 -3.59 -22.71 36.34
C VAL B 25 -4.41 -23.30 35.19
N LEU B 26 -5.71 -23.45 35.42
CA LEU B 26 -6.57 -24.09 34.44
C LEU B 26 -6.63 -23.32 33.13
N GLN B 27 -6.71 -22.00 33.20
CA GLN B 27 -6.76 -21.19 31.99
C GLN B 27 -5.40 -21.21 31.32
N LYS B 28 -4.36 -21.19 32.14
CA LYS B 28 -3.00 -21.04 31.66
C LYS B 28 -2.51 -22.29 30.94
N PHE B 29 -2.73 -23.44 31.58
CA PHE B 29 -2.19 -24.69 31.07
C PHE B 29 -3.23 -25.53 30.31
N PHE B 30 -4.51 -25.28 30.54
CA PHE B 30 -5.54 -26.07 29.86
C PHE B 30 -6.45 -25.23 28.98
N SER B 31 -6.04 -23.99 28.74
CA SER B 31 -6.77 -23.11 27.83
C SER B 31 -8.28 -23.17 28.06
N TYR B 32 -8.66 -23.35 29.31
CA TYR B 32 -10.07 -23.29 29.69
C TYR B 32 -10.52 -21.85 29.74
N ASP B 33 -11.79 -21.62 29.42
CA ASP B 33 -12.42 -20.33 29.68
C ASP B 33 -12.68 -20.25 31.18
N VAL B 34 -12.91 -19.04 31.67
CA VAL B 34 -12.97 -18.81 33.10
C VAL B 34 -14.14 -19.57 33.75
N GLU B 35 -15.30 -19.56 33.10
CA GLU B 35 -16.47 -20.24 33.67
C GLU B 35 -16.20 -21.71 33.94
N ARG B 36 -15.65 -22.41 32.95
CA ARG B 36 -15.32 -23.82 33.10
C ARG B 36 -14.30 -24.03 34.20
N ALA B 37 -13.25 -23.21 34.18
CA ALA B 37 -12.17 -23.32 35.15
C ALA B 37 -12.73 -23.31 36.57
N THR B 38 -13.75 -22.49 36.79
CA THR B 38 -14.36 -22.37 38.10
C THR B 38 -15.03 -23.68 38.51
N GLN B 39 -15.79 -24.27 37.59
CA GLN B 39 -16.49 -25.50 37.88
C GLN B 39 -15.51 -26.57 38.32
N LEU B 40 -14.45 -26.74 37.54
CA LEU B 40 -13.45 -27.76 37.84
C LEU B 40 -12.88 -27.52 39.22
N MET B 41 -12.56 -26.25 39.50
CA MET B 41 -11.97 -25.90 40.78
C MET B 41 -12.90 -26.31 41.93
N LEU B 42 -14.19 -26.04 41.77
CA LEU B 42 -15.17 -26.42 42.78
C LEU B 42 -15.17 -27.92 42.97
N ALA B 43 -15.02 -28.65 41.86
CA ALA B 43 -14.95 -30.09 41.91
C ALA B 43 -13.78 -30.52 42.76
N VAL B 44 -12.61 -29.92 42.51
CA VAL B 44 -11.42 -30.27 43.26
C VAL B 44 -11.64 -30.01 44.73
N HIS B 45 -12.29 -28.89 45.03
CA HIS B 45 -12.47 -28.46 46.40
C HIS B 45 -13.38 -29.41 47.17
N TYR B 46 -14.49 -29.78 46.55
CA TYR B 46 -15.53 -30.53 47.24
C TYR B 46 -15.37 -32.05 47.10
N GLN B 47 -14.97 -32.49 45.92
CA GLN B 47 -14.75 -33.91 45.65
C GLN B 47 -13.37 -34.35 46.08
N GLY B 48 -12.44 -33.41 46.19
CA GLY B 48 -11.09 -33.72 46.63
C GLY B 48 -10.16 -33.99 45.46
N LYS B 49 -10.71 -33.94 44.24
CA LYS B 49 -9.93 -34.15 43.03
C LYS B 49 -10.80 -33.85 41.80
N ALA B 50 -10.17 -33.60 40.66
CA ALA B 50 -10.89 -33.33 39.42
C ALA B 50 -10.02 -33.56 38.19
N ILE B 51 -10.59 -34.25 37.20
CA ILE B 51 -9.88 -34.50 35.95
C ILE B 51 -9.98 -33.28 35.06
N CYS B 52 -8.82 -32.71 34.76
CA CYS B 52 -8.74 -31.47 34.00
C CYS B 52 -8.66 -31.74 32.51
N GLY B 53 -8.06 -32.86 32.14
CA GLY B 53 -7.97 -33.21 30.75
C GLY B 53 -7.60 -34.67 30.54
N VAL B 54 -7.67 -35.08 29.28
CA VAL B 54 -7.18 -36.39 28.89
C VAL B 54 -6.28 -36.20 27.69
N PHE B 55 -5.02 -36.59 27.84
CA PHE B 55 -4.02 -36.37 26.80
C PHE B 55 -3.22 -37.64 26.55
N THR B 56 -2.43 -37.62 25.48
CA THR B 56 -1.50 -38.70 25.19
C THR B 56 -0.40 -38.69 26.26
N ALA B 57 0.22 -39.85 26.49
CA ALA B 57 1.19 -40.00 27.58
C ALA B 57 2.27 -38.91 27.61
N GLU B 58 2.79 -38.55 26.44
CA GLU B 58 3.89 -37.57 26.40
C GLU B 58 3.37 -36.19 26.76
N VAL B 59 2.25 -35.80 26.18
CA VAL B 59 1.64 -34.50 26.47
C VAL B 59 1.27 -34.41 27.95
N ALA B 60 0.75 -35.50 28.50
CA ALA B 60 0.30 -35.55 29.90
C ALA B 60 1.46 -35.36 30.88
N GLU B 61 2.56 -36.07 30.63
CA GLU B 61 3.77 -35.92 31.44
C GLU B 61 4.21 -34.46 31.47
N THR B 62 4.28 -33.85 30.29
CA THR B 62 4.70 -32.47 30.15
C THR B 62 3.83 -31.55 31.01
N LYS B 63 2.51 -31.67 30.84
CA LYS B 63 1.57 -30.86 31.60
C LYS B 63 1.86 -30.95 33.09
N VAL B 64 1.82 -32.18 33.61
CA VAL B 64 2.01 -32.40 35.03
C VAL B 64 3.26 -31.69 35.52
N ALA B 65 4.37 -31.92 34.84
CA ALA B 65 5.65 -31.33 35.24
C ALA B 65 5.63 -29.81 35.23
N MET B 66 4.95 -29.22 34.24
CA MET B 66 4.87 -27.76 34.13
C MET B 66 3.97 -27.17 35.19
N VAL B 67 2.91 -27.89 35.54
CA VAL B 67 1.97 -27.42 36.54
C VAL B 67 2.64 -27.40 37.89
N ASN B 68 3.23 -28.53 38.29
CA ASN B 68 3.91 -28.62 39.58
C ASN B 68 5.03 -27.60 39.69
N LYS B 69 5.74 -27.40 38.59
CA LYS B 69 6.77 -26.39 38.51
C LYS B 69 6.19 -25.02 38.86
N TYR B 70 5.15 -24.64 38.14
CA TYR B 70 4.50 -23.35 38.30
C TYR B 70 3.99 -23.16 39.72
N ALA B 71 3.52 -24.26 40.32
CA ALA B 71 2.97 -24.25 41.66
C ALA B 71 4.05 -23.98 42.69
N ARG B 72 5.20 -24.63 42.50
CA ARG B 72 6.31 -24.52 43.45
C ARG B 72 6.93 -23.13 43.43
N GLU B 73 7.00 -22.53 42.25
CA GLU B 73 7.62 -21.21 42.13
C GLU B 73 6.67 -20.13 42.65
N ASN B 74 5.39 -20.47 42.75
CA ASN B 74 4.42 -19.59 43.41
C ASN B 74 4.24 -20.04 44.85
N GLU B 75 5.00 -21.05 45.24
CA GLU B 75 5.08 -21.49 46.62
C GLU B 75 3.75 -22.01 47.13
N HIS B 76 3.11 -22.84 46.32
CA HIS B 76 1.84 -23.48 46.66
C HIS B 76 1.99 -24.99 46.66
N PRO B 77 1.28 -25.67 47.55
CA PRO B 77 1.40 -27.12 47.73
C PRO B 77 0.68 -27.92 46.62
N LEU B 78 -0.18 -27.26 45.86
CA LEU B 78 -1.03 -27.94 44.90
C LEU B 78 -0.32 -29.05 44.14
N LEU B 79 -0.97 -30.21 44.06
CA LEU B 79 -0.37 -31.39 43.43
C LEU B 79 -1.10 -31.83 42.15
N CYS B 80 -0.36 -31.85 41.05
CA CYS B 80 -0.87 -32.38 39.79
C CYS B 80 -0.31 -33.77 39.49
N THR B 81 -1.20 -34.73 39.28
CA THR B 81 -0.78 -36.11 39.06
C THR B 81 -1.25 -36.65 37.71
N LEU B 82 -0.84 -37.87 37.40
CA LEU B 82 -1.34 -38.60 36.24
C LEU B 82 -2.01 -39.88 36.68
N GLU B 83 -2.82 -40.44 35.79
CA GLU B 83 -3.38 -41.75 36.00
C GLU B 83 -3.77 -42.35 34.66
N LYS B 84 -3.31 -43.57 34.42
CA LYS B 84 -3.70 -44.32 33.24
C LYS B 84 -5.21 -44.20 33.05
N ALA B 85 -5.62 -43.72 31.89
CA ALA B 85 -7.04 -43.56 31.59
C ALA B 85 -7.74 -44.91 31.53
N LEU C 1 -1.98 -50.05 -29.21
CA LEU C 1 -1.54 -49.41 -27.97
C LEU C 1 -1.71 -50.34 -26.78
N LYS C 2 -1.41 -49.84 -25.60
CA LYS C 2 -1.38 -50.67 -24.40
C LYS C 2 -2.40 -50.19 -23.37
N PRO C 3 -3.41 -51.02 -23.07
CA PRO C 3 -4.41 -50.73 -22.05
C PRO C 3 -3.78 -50.37 -20.71
N PRO C 4 -4.51 -49.60 -19.88
CA PRO C 4 -4.11 -49.34 -18.51
C PRO C 4 -4.15 -50.61 -17.65
N SER C 5 -3.12 -50.82 -16.85
CA SER C 5 -3.13 -51.89 -15.87
C SER C 5 -3.21 -51.27 -14.49
N MET C 6 -4.22 -51.68 -13.73
CA MET C 6 -4.54 -51.02 -12.47
C MET C 6 -4.11 -51.87 -11.29
N TYR C 7 -3.41 -51.24 -10.35
CA TYR C 7 -2.92 -51.91 -9.16
C TYR C 7 -3.44 -51.27 -7.89
N LYS C 8 -3.94 -52.10 -6.99
CA LYS C 8 -4.34 -51.64 -5.68
C LYS C 8 -3.08 -51.25 -4.91
N VAL C 9 -3.16 -50.13 -4.21
CA VAL C 9 -2.13 -49.76 -3.25
C VAL C 9 -2.73 -50.00 -1.88
N ILE C 10 -2.12 -50.88 -1.11
CA ILE C 10 -2.71 -51.34 0.13
C ILE C 10 -1.82 -51.01 1.33
N LEU C 11 -2.46 -50.79 2.48
CA LEU C 11 -1.74 -50.62 3.73
C LEU C 11 -2.03 -51.81 4.64
N VAL C 12 -0.98 -52.34 5.24
CA VAL C 12 -1.08 -53.58 6.00
C VAL C 12 -0.82 -53.32 7.48
N ASN C 13 -1.67 -53.93 8.31
CA ASN C 13 -1.70 -53.66 9.75
C ASN C 13 -0.55 -54.27 10.53
N ASP C 14 -0.02 -53.47 11.47
CA ASP C 14 0.96 -53.95 12.44
C ASP C 14 0.70 -53.24 13.76
N ASP C 15 1.22 -53.79 14.84
CA ASP C 15 0.86 -53.32 16.16
C ASP C 15 1.71 -52.15 16.68
N TYR C 16 2.55 -51.58 15.83
CA TYR C 16 3.53 -50.63 16.31
C TYR C 16 3.53 -49.28 15.59
N THR C 17 2.71 -49.14 14.56
CA THR C 17 2.62 -47.86 13.88
C THR C 17 1.48 -47.03 14.47
N PRO C 18 1.81 -45.82 14.96
CA PRO C 18 0.80 -44.88 15.47
C PRO C 18 -0.32 -44.65 14.47
N MET C 19 -1.55 -44.56 14.97
CA MET C 19 -2.68 -44.25 14.11
C MET C 19 -2.57 -42.83 13.56
N GLU C 20 -1.97 -41.93 14.34
CA GLU C 20 -1.67 -40.59 13.85
C GLU C 20 -0.89 -40.65 12.57
N PHE C 21 0.20 -41.42 12.59
CA PHE C 21 1.12 -41.49 11.47
C PHE C 21 0.41 -41.98 10.21
N VAL C 22 -0.46 -42.98 10.37
CA VAL C 22 -1.19 -43.52 9.24
C VAL C 22 -2.01 -42.43 8.59
N ILE C 23 -2.69 -41.64 9.41
CA ILE C 23 -3.53 -40.57 8.91
C ILE C 23 -2.67 -39.54 8.18
N ASP C 24 -1.54 -39.23 8.79
CA ASP C 24 -0.59 -38.31 8.19
C ASP C 24 -0.25 -38.78 6.79
N VAL C 25 0.07 -40.06 6.68
CA VAL C 25 0.40 -40.66 5.39
C VAL C 25 -0.73 -40.45 4.39
N LEU C 26 -1.94 -40.80 4.78
CA LEU C 26 -3.08 -40.81 3.86
C LEU C 26 -3.39 -39.43 3.27
N GLN C 27 -3.21 -38.39 4.07
CA GLN C 27 -3.45 -37.03 3.59
C GLN C 27 -2.29 -36.58 2.72
N LYS C 28 -1.10 -37.02 3.11
CA LYS C 28 0.12 -36.55 2.47
C LYS C 28 0.30 -37.13 1.09
N PHE C 29 0.05 -38.44 0.96
CA PHE C 29 0.34 -39.15 -0.28
C PHE C 29 -0.91 -39.46 -1.09
N PHE C 30 -2.08 -39.43 -0.47
CA PHE C 30 -3.31 -39.76 -1.20
C PHE C 30 -4.29 -38.60 -1.20
N SER C 31 -3.82 -37.43 -0.76
CA SER C 31 -4.63 -36.22 -0.79
C SER C 31 -6.02 -36.48 -0.26
N TYR C 32 -6.11 -37.37 0.73
CA TYR C 32 -7.37 -37.61 1.40
C TYR C 32 -7.66 -36.52 2.41
N ASP C 33 -8.93 -36.18 2.56
CA ASP C 33 -9.34 -35.30 3.65
C ASP C 33 -9.22 -36.09 4.94
N VAL C 34 -9.27 -35.39 6.07
CA VAL C 34 -9.01 -36.04 7.35
C VAL C 34 -10.08 -37.06 7.76
N GLU C 35 -11.34 -36.79 7.45
CA GLU C 35 -12.42 -37.71 7.83
C GLU C 35 -12.24 -39.05 7.14
N ARG C 36 -11.99 -38.98 5.83
CA ARG C 36 -11.71 -40.16 5.02
C ARG C 36 -10.54 -40.97 5.58
N ALA C 37 -9.41 -40.29 5.75
CA ALA C 37 -8.19 -40.90 6.25
C ALA C 37 -8.46 -41.72 7.51
N THR C 38 -9.34 -41.23 8.37
CA THR C 38 -9.62 -41.90 9.62
C THR C 38 -10.36 -43.22 9.38
N GLN C 39 -11.33 -43.17 8.49
CA GLN C 39 -12.08 -44.35 8.14
C GLN C 39 -11.16 -45.48 7.67
N LEU C 40 -10.30 -45.15 6.71
CA LEU C 40 -9.37 -46.13 6.15
C LEU C 40 -8.45 -46.67 7.23
N MET C 41 -7.96 -45.78 8.09
CA MET C 41 -7.06 -46.18 9.16
C MET C 41 -7.74 -47.20 10.07
N LEU C 42 -9.02 -46.98 10.36
CA LEU C 42 -9.77 -47.90 11.18
C LEU C 42 -9.90 -49.25 10.49
N ALA C 43 -10.01 -49.20 9.16
CA ALA C 43 -10.11 -50.42 8.37
C ALA C 43 -8.82 -51.22 8.53
N VAL C 44 -7.70 -50.53 8.39
CA VAL C 44 -6.41 -51.17 8.51
C VAL C 44 -6.30 -51.83 9.87
N HIS C 45 -6.68 -51.08 10.89
CA HIS C 45 -6.48 -51.51 12.26
C HIS C 45 -7.31 -52.73 12.61
N TYR C 46 -8.54 -52.79 12.11
CA TYR C 46 -9.47 -53.85 12.48
C TYR C 46 -9.51 -54.98 11.46
N GLN C 47 -9.53 -54.61 10.18
CA GLN C 47 -9.54 -55.59 9.10
C GLN C 47 -8.15 -56.14 8.86
N GLY C 48 -7.13 -55.39 9.30
CA GLY C 48 -5.75 -55.79 9.12
C GLY C 48 -5.16 -55.31 7.82
N LYS C 49 -5.98 -54.63 7.01
CA LYS C 49 -5.52 -54.10 5.74
C LYS C 49 -6.59 -53.20 5.17
N ALA C 50 -6.19 -52.32 4.24
CA ALA C 50 -7.16 -51.44 3.61
C ALA C 50 -6.61 -50.89 2.30
N ILE C 51 -7.46 -50.90 1.28
CA ILE C 51 -7.08 -50.38 -0.03
C ILE C 51 -7.21 -48.87 -0.01
N CYS C 52 -6.10 -48.20 -0.28
CA CYS C 52 -6.03 -46.75 -0.20
C CYS C 52 -6.30 -46.07 -1.54
N GLY C 53 -5.88 -46.71 -2.62
CA GLY C 53 -6.10 -46.15 -3.94
C GLY C 53 -5.93 -47.19 -5.03
N VAL C 54 -6.43 -46.89 -6.21
CA VAL C 54 -6.23 -47.74 -7.37
C VAL C 54 -5.63 -46.91 -8.49
N PHE C 55 -4.39 -47.23 -8.86
CA PHE C 55 -3.64 -46.40 -9.79
C PHE C 55 -3.07 -47.24 -10.91
N THR C 56 -2.61 -46.58 -11.95
CA THR C 56 -1.92 -47.27 -13.02
C THR C 56 -0.64 -47.82 -12.41
N ALA C 57 -0.11 -48.89 -13.00
CA ALA C 57 1.05 -49.59 -12.45
C ALA C 57 2.20 -48.64 -12.07
N GLU C 58 2.57 -47.74 -12.97
CA GLU C 58 3.72 -46.87 -12.75
C GLU C 58 3.47 -45.95 -11.55
N VAL C 59 2.28 -45.36 -11.50
CA VAL C 59 1.91 -44.48 -10.40
C VAL C 59 1.90 -45.24 -9.07
N ALA C 60 1.42 -46.48 -9.11
CA ALA C 60 1.30 -47.29 -7.91
C ALA C 60 2.67 -47.68 -7.36
N GLU C 61 3.60 -48.04 -8.22
CA GLU C 61 4.96 -48.38 -7.80
C GLU C 61 5.55 -47.20 -7.09
N THR C 62 5.44 -46.03 -7.70
CA THR C 62 5.97 -44.81 -7.13
C THR C 62 5.42 -44.59 -5.73
N LYS C 63 4.09 -44.60 -5.60
CA LYS C 63 3.44 -44.40 -4.32
C LYS C 63 4.04 -45.29 -3.26
N VAL C 64 3.96 -46.59 -3.48
CA VAL C 64 4.46 -47.58 -2.54
C VAL C 64 5.87 -47.23 -2.06
N ALA C 65 6.75 -46.98 -3.02
CA ALA C 65 8.15 -46.70 -2.71
C ALA C 65 8.29 -45.46 -1.83
N MET C 66 7.47 -44.45 -2.09
CA MET C 66 7.55 -43.20 -1.36
C MET C 66 7.01 -43.36 0.04
N VAL C 67 5.97 -44.17 0.17
CA VAL C 67 5.33 -44.39 1.45
C VAL C 67 6.26 -45.14 2.37
N ASN C 68 6.85 -46.21 1.86
CA ASN C 68 7.75 -47.03 2.65
C ASN C 68 8.96 -46.22 3.04
N LYS C 69 9.43 -45.41 2.10
CA LYS C 69 10.52 -44.49 2.37
C LYS C 69 10.17 -43.62 3.56
N TYR C 70 9.02 -42.97 3.47
CA TYR C 70 8.56 -42.04 4.49
C TYR C 70 8.40 -42.73 5.83
N ALA C 71 7.95 -43.97 5.79
CA ALA C 71 7.73 -44.73 7.02
C ALA C 71 9.06 -45.07 7.68
N ARG C 72 10.07 -45.38 6.87
CA ARG C 72 11.35 -45.82 7.40
C ARG C 72 12.13 -44.67 8.03
N GLU C 73 12.04 -43.50 7.41
CA GLU C 73 12.74 -42.35 7.92
C GLU C 73 12.04 -41.83 9.17
N ASN C 74 10.78 -42.21 9.35
CA ASN C 74 10.07 -41.94 10.60
C ASN C 74 10.15 -43.15 11.52
N GLU C 75 10.92 -44.14 11.09
CA GLU C 75 11.27 -45.27 11.94
C GLU C 75 10.04 -46.05 12.39
N HIS C 76 9.12 -46.24 11.45
CA HIS C 76 7.92 -47.01 11.66
C HIS C 76 7.88 -48.22 10.75
N PRO C 77 7.32 -49.32 11.25
CA PRO C 77 7.29 -50.62 10.55
C PRO C 77 6.26 -50.68 9.43
N LEU C 78 5.34 -49.73 9.41
CA LEU C 78 4.20 -49.77 8.49
C LEU C 78 4.56 -50.20 7.08
N LEU C 79 3.80 -51.16 6.54
CA LEU C 79 4.08 -51.72 5.23
C LEU C 79 3.05 -51.33 4.16
N CYS C 80 3.54 -50.74 3.07
CA CYS C 80 2.69 -50.41 1.93
C CYS C 80 3.01 -51.37 0.79
N THR C 81 1.99 -52.06 0.29
CA THR C 81 2.19 -53.09 -0.73
C THR C 81 1.36 -52.81 -1.98
N LEU C 82 1.61 -53.61 -3.03
CA LEU C 82 0.81 -53.56 -4.24
C LEU C 82 0.13 -54.88 -4.45
N GLU C 83 -0.94 -54.86 -5.23
CA GLU C 83 -1.55 -56.08 -5.71
C GLU C 83 -2.27 -55.78 -7.01
N LYS C 84 -2.06 -56.64 -8.00
CA LYS C 84 -2.78 -56.56 -9.25
C LYS C 84 -4.28 -56.44 -8.98
N ALA C 85 -4.90 -55.42 -9.55
CA ALA C 85 -6.33 -55.21 -9.37
C ALA C 85 -7.13 -56.28 -10.10
N LEU D 1 -1.38 -16.20 -55.62
CA LEU D 1 -0.47 -16.53 -54.54
C LEU D 1 -0.38 -18.04 -54.42
N LYS D 2 0.73 -18.51 -53.86
CA LYS D 2 0.90 -19.93 -53.66
C LYS D 2 0.26 -20.35 -52.35
N PRO D 3 -0.72 -21.27 -52.43
CA PRO D 3 -1.36 -21.77 -51.21
C PRO D 3 -0.43 -22.72 -50.46
N PRO D 4 -0.64 -22.85 -49.14
CA PRO D 4 0.28 -23.63 -48.29
C PRO D 4 0.28 -25.10 -48.65
N SER D 5 1.43 -25.74 -48.51
CA SER D 5 1.49 -27.19 -48.63
C SER D 5 1.07 -27.80 -47.30
N MET D 6 0.05 -28.63 -47.34
CA MET D 6 -0.52 -29.18 -46.13
C MET D 6 -0.12 -30.63 -45.94
N TYR D 7 0.30 -30.95 -44.72
CA TYR D 7 0.75 -32.29 -44.39
C TYR D 7 -0.07 -32.88 -43.26
N LYS D 8 -0.43 -34.13 -43.42
CA LYS D 8 -1.09 -34.88 -42.36
C LYS D 8 -0.04 -35.32 -41.34
N VAL D 9 -0.31 -35.04 -40.07
CA VAL D 9 0.50 -35.57 -38.99
C VAL D 9 -0.22 -36.79 -38.47
N ILE D 10 0.46 -37.94 -38.49
CA ILE D 10 -0.16 -39.21 -38.19
C ILE D 10 0.52 -39.92 -37.04
N LEU D 11 -0.27 -40.55 -36.19
CA LEU D 11 0.27 -41.39 -35.14
C LEU D 11 0.08 -42.85 -35.51
N VAL D 12 1.11 -43.65 -35.28
CA VAL D 12 1.10 -45.04 -35.71
C VAL D 12 1.04 -45.97 -34.50
N ASN D 13 0.19 -46.99 -34.61
CA ASN D 13 -0.04 -47.92 -33.52
C ASN D 13 1.14 -48.83 -33.22
N ASP D 14 1.31 -49.15 -31.95
CA ASP D 14 2.27 -50.14 -31.50
C ASP D 14 1.79 -50.68 -30.17
N ASP D 15 2.17 -51.91 -29.84
CA ASP D 15 1.56 -52.63 -28.74
C ASP D 15 2.13 -52.28 -27.36
N TYR D 16 3.00 -51.26 -27.29
CA TYR D 16 3.74 -51.01 -26.05
C TYR D 16 3.59 -49.60 -25.50
N THR D 17 2.93 -48.71 -26.23
CA THR D 17 2.72 -47.35 -25.74
C THR D 17 1.40 -47.26 -24.98
N PRO D 18 1.46 -46.84 -23.71
CA PRO D 18 0.24 -46.71 -22.92
C PRO D 18 -0.78 -45.82 -23.62
N MET D 19 -2.05 -46.17 -23.48
CA MET D 19 -3.12 -45.36 -24.02
C MET D 19 -3.15 -44.01 -23.29
N GLU D 20 -2.84 -44.03 -22.00
CA GLU D 20 -2.76 -42.80 -21.21
C GLU D 20 -1.84 -41.82 -21.92
N PHE D 21 -0.64 -42.30 -22.26
CA PHE D 21 0.40 -41.46 -22.81
C PHE D 21 -0.03 -40.82 -24.12
N VAL D 22 -0.68 -41.60 -24.97
CA VAL D 22 -1.15 -41.11 -26.26
C VAL D 22 -2.10 -39.94 -26.07
N ILE D 23 -3.00 -40.07 -25.08
CA ILE D 23 -3.91 -39.00 -24.77
C ILE D 23 -3.15 -37.79 -24.28
N ASP D 24 -2.22 -38.03 -23.35
CA ASP D 24 -1.37 -36.98 -22.82
C ASP D 24 -0.77 -36.19 -23.99
N VAL D 25 -0.29 -36.93 -24.98
CA VAL D 25 0.33 -36.34 -26.15
C VAL D 25 -0.64 -35.43 -26.91
N LEU D 26 -1.84 -35.93 -27.15
CA LEU D 26 -2.81 -35.24 -27.98
C LEU D 26 -3.23 -33.90 -27.38
N GLN D 27 -3.39 -33.87 -26.06
CA GLN D 27 -3.76 -32.63 -25.40
C GLN D 27 -2.60 -31.65 -25.40
N LYS D 28 -1.41 -32.20 -25.20
CA LYS D 28 -0.22 -31.40 -24.99
C LYS D 28 0.23 -30.72 -26.27
N PHE D 29 0.22 -31.48 -27.36
CA PHE D 29 0.77 -30.99 -28.63
C PHE D 29 -0.30 -30.62 -29.64
N PHE D 30 -1.54 -31.04 -29.43
CA PHE D 30 -2.58 -30.72 -30.40
C PHE D 30 -3.75 -29.99 -29.73
N SER D 31 -3.54 -29.57 -28.49
CA SER D 31 -4.54 -28.79 -27.78
C SER D 31 -5.93 -29.38 -27.94
N TYR D 32 -5.98 -30.71 -28.07
CA TYR D 32 -7.25 -31.41 -28.11
C TYR D 32 -7.82 -31.48 -26.71
N ASP D 33 -9.14 -31.34 -26.60
CA ASP D 33 -9.80 -31.60 -25.34
C ASP D 33 -9.72 -33.09 -25.05
N VAL D 34 -9.95 -33.46 -23.80
CA VAL D 34 -9.77 -34.85 -23.38
C VAL D 34 -10.68 -35.84 -24.10
N GLU D 35 -11.95 -35.48 -24.30
CA GLU D 35 -12.89 -36.40 -24.93
C GLU D 35 -12.46 -36.78 -26.36
N ARG D 36 -12.05 -35.78 -27.13
CA ARG D 36 -11.61 -36.04 -28.50
C ARG D 36 -10.31 -36.83 -28.55
N ALA D 37 -9.37 -36.46 -27.68
CA ALA D 37 -8.11 -37.18 -27.59
C ALA D 37 -8.35 -38.67 -27.46
N THR D 38 -9.39 -39.03 -26.72
CA THR D 38 -9.70 -40.43 -26.48
C THR D 38 -10.17 -41.11 -27.74
N GLN D 39 -11.02 -40.42 -28.49
CA GLN D 39 -11.51 -40.94 -29.75
C GLN D 39 -10.34 -41.25 -30.66
N LEU D 40 -9.48 -40.26 -30.85
CA LEU D 40 -8.33 -40.41 -31.72
C LEU D 40 -7.46 -41.57 -31.27
N MET D 41 -7.24 -41.66 -29.97
CA MET D 41 -6.42 -42.74 -29.44
C MET D 41 -7.01 -44.10 -29.81
N LEU D 42 -8.34 -44.21 -29.74
CA LEU D 42 -9.03 -45.44 -30.10
C LEU D 42 -8.86 -45.78 -31.58
N ALA D 43 -8.82 -44.73 -32.40
CA ALA D 43 -8.61 -44.91 -33.83
C ALA D 43 -7.22 -45.50 -34.09
N VAL D 44 -6.22 -44.95 -33.42
CA VAL D 44 -4.86 -45.45 -33.54
C VAL D 44 -4.79 -46.91 -33.16
N HIS D 45 -5.43 -47.25 -32.04
CA HIS D 45 -5.36 -48.59 -31.48
C HIS D 45 -6.00 -49.63 -32.39
N TYR D 46 -7.18 -49.31 -32.92
CA TYR D 46 -7.94 -50.29 -33.70
C TYR D 46 -7.63 -50.22 -35.19
N GLN D 47 -7.53 -49.00 -35.71
CA GLN D 47 -7.23 -48.82 -37.12
C GLN D 47 -5.73 -48.96 -37.39
N GLY D 48 -4.92 -48.84 -36.34
CA GLY D 48 -3.49 -48.96 -36.48
C GLY D 48 -2.84 -47.64 -36.84
N LYS D 49 -3.67 -46.62 -37.01
CA LYS D 49 -3.17 -45.28 -37.33
C LYS D 49 -4.30 -44.26 -37.27
N ALA D 50 -3.95 -43.00 -37.06
CA ALA D 50 -4.94 -41.93 -37.01
C ALA D 50 -4.31 -40.60 -37.37
N ILE D 51 -5.07 -39.77 -38.10
CA ILE D 51 -4.63 -38.43 -38.43
C ILE D 51 -5.01 -37.47 -37.31
N CYS D 52 -4.01 -36.85 -36.71
CA CYS D 52 -4.23 -35.97 -35.57
C CYS D 52 -4.46 -34.53 -36.00
N GLY D 53 -3.82 -34.13 -37.09
CA GLY D 53 -3.98 -32.77 -37.57
C GLY D 53 -3.53 -32.61 -38.99
N VAL D 54 -3.81 -31.43 -39.54
CA VAL D 54 -3.30 -31.07 -40.86
C VAL D 54 -2.71 -29.67 -40.74
N PHE D 55 -1.40 -29.56 -40.98
CA PHE D 55 -0.69 -28.31 -40.79
C PHE D 55 0.16 -27.97 -42.01
N THR D 56 0.62 -26.72 -42.08
CA THR D 56 1.56 -26.36 -43.12
C THR D 56 2.82 -27.18 -42.91
N ALA D 57 3.61 -27.37 -43.96
CA ALA D 57 4.80 -28.21 -43.89
C ALA D 57 5.70 -27.92 -42.69
N GLU D 58 6.04 -26.64 -42.49
CA GLU D 58 6.96 -26.27 -41.41
C GLU D 58 6.39 -26.62 -40.05
N VAL D 59 5.10 -26.30 -39.85
CA VAL D 59 4.44 -26.58 -38.59
C VAL D 59 4.39 -28.08 -38.35
N ALA D 60 4.17 -28.84 -39.42
CA ALA D 60 4.03 -30.28 -39.32
C ALA D 60 5.35 -30.94 -38.93
N GLU D 61 6.44 -30.52 -39.58
CA GLU D 61 7.76 -31.01 -39.23
C GLU D 61 8.05 -30.81 -37.76
N THR D 62 7.85 -29.58 -37.29
CA THR D 62 8.10 -29.24 -35.90
C THR D 62 7.34 -30.20 -34.99
N LYS D 63 6.04 -30.32 -35.21
CA LYS D 63 5.17 -31.19 -34.40
C LYS D 63 5.74 -32.60 -34.28
N VAL D 64 6.00 -33.23 -35.42
CA VAL D 64 6.53 -34.58 -35.44
C VAL D 64 7.78 -34.73 -34.56
N ALA D 65 8.75 -33.83 -34.77
CA ALA D 65 10.02 -33.89 -34.06
C ALA D 65 9.83 -33.76 -32.55
N MET D 66 8.91 -32.90 -32.14
CA MET D 66 8.66 -32.65 -30.72
C MET D 66 7.96 -33.83 -30.08
N VAL D 67 7.09 -34.46 -30.85
CA VAL D 67 6.33 -35.61 -30.37
C VAL D 67 7.27 -36.78 -30.17
N ASN D 68 8.07 -37.07 -31.18
CA ASN D 68 9.02 -38.16 -31.11
C ASN D 68 10.01 -37.92 -29.99
N LYS D 69 10.39 -36.66 -29.84
CA LYS D 69 11.29 -36.25 -28.76
C LYS D 69 10.67 -36.58 -27.41
N TYR D 70 9.44 -36.14 -27.21
CA TYR D 70 8.73 -36.34 -25.96
C TYR D 70 8.52 -37.83 -25.68
N ALA D 71 8.35 -38.60 -26.74
CA ALA D 71 8.10 -40.03 -26.60
C ALA D 71 9.36 -40.74 -26.11
N ARG D 72 10.50 -40.35 -26.68
CA ARG D 72 11.77 -41.00 -26.39
C ARG D 72 12.27 -40.70 -24.99
N GLU D 73 12.04 -39.50 -24.50
CA GLU D 73 12.46 -39.16 -23.15
C GLU D 73 11.52 -39.79 -22.13
N ASN D 74 10.33 -40.19 -22.57
CA ASN D 74 9.44 -40.97 -21.72
C ASN D 74 9.60 -42.47 -22.01
N GLU D 75 10.54 -42.77 -22.89
CA GLU D 75 10.95 -44.15 -23.14
C GLU D 75 9.83 -45.00 -23.72
N HIS D 76 9.10 -44.41 -24.67
CA HIS D 76 8.02 -45.08 -25.39
C HIS D 76 8.34 -45.17 -26.87
N PRO D 77 7.92 -46.27 -27.50
CA PRO D 77 8.23 -46.56 -28.90
C PRO D 77 7.39 -45.73 -29.87
N LEU D 78 6.33 -45.11 -29.38
CA LEU D 78 5.35 -44.43 -30.23
C LEU D 78 5.99 -43.63 -31.35
N LEU D 79 5.47 -43.80 -32.56
CA LEU D 79 6.00 -43.12 -33.73
C LEU D 79 5.03 -42.11 -34.34
N CYS D 80 5.50 -40.88 -34.50
CA CYS D 80 4.74 -39.87 -35.24
C CYS D 80 5.39 -39.60 -36.60
N THR D 81 4.55 -39.53 -37.62
CA THR D 81 5.02 -39.42 -39.00
C THR D 81 4.27 -38.34 -39.77
N LEU D 82 4.87 -37.87 -40.85
CA LEU D 82 4.23 -36.92 -41.75
C LEU D 82 3.85 -37.62 -43.04
N GLU D 83 2.85 -37.10 -43.72
CA GLU D 83 2.50 -37.56 -45.04
C GLU D 83 1.84 -36.43 -45.80
N LYS D 84 2.28 -36.22 -47.03
CA LYS D 84 1.69 -35.18 -47.87
C LYS D 84 0.17 -35.36 -47.90
N ALA D 85 -0.55 -34.27 -47.67
CA ALA D 85 -2.01 -34.32 -47.68
C ALA D 85 -2.55 -34.50 -49.10
N LEU E 1 -0.23 26.75 -49.72
CA LEU E 1 0.29 25.48 -49.21
C LEU E 1 0.01 24.35 -50.18
N LYS E 2 0.41 23.13 -49.82
CA LYS E 2 0.20 21.98 -50.66
C LYS E 2 -0.83 21.04 -50.05
N PRO E 3 -1.96 20.85 -50.74
CA PRO E 3 -2.98 19.90 -50.28
C PRO E 3 -2.50 18.47 -50.43
N PRO E 4 -3.20 17.51 -49.82
CA PRO E 4 -2.86 16.09 -49.98
C PRO E 4 -3.08 15.54 -51.38
N SER E 5 -2.07 14.85 -51.91
CA SER E 5 -2.25 13.98 -53.05
C SER E 5 -2.27 12.55 -52.55
N MET E 6 -3.36 11.85 -52.82
CA MET E 6 -3.54 10.52 -52.27
C MET E 6 -3.19 9.47 -53.30
N TYR E 7 -2.45 8.46 -52.87
CA TYR E 7 -2.05 7.36 -53.73
C TYR E 7 -2.49 6.05 -53.15
N LYS E 8 -3.02 5.19 -54.02
CA LYS E 8 -3.37 3.84 -53.64
C LYS E 8 -2.08 3.03 -53.54
N VAL E 9 -1.99 2.20 -52.52
CA VAL E 9 -0.91 1.24 -52.39
C VAL E 9 -1.47 -0.15 -52.64
N ILE E 10 -1.05 -0.76 -53.75
CA ILE E 10 -1.67 -1.98 -54.24
C ILE E 10 -0.71 -3.17 -54.17
N LEU E 11 -1.27 -4.34 -53.92
CA LEU E 11 -0.49 -5.58 -54.04
C LEU E 11 -0.91 -6.29 -55.30
N VAL E 12 0.08 -6.87 -55.99
CA VAL E 12 -0.18 -7.55 -57.25
C VAL E 12 0.06 -9.04 -57.13
N ASN E 13 -0.87 -9.81 -57.66
CA ASN E 13 -0.84 -11.27 -57.54
C ASN E 13 0.28 -11.94 -58.35
N ASP E 14 0.85 -12.98 -57.76
CA ASP E 14 1.80 -13.85 -58.46
C ASP E 14 1.64 -15.25 -57.88
N ASP E 15 2.06 -16.26 -58.62
CA ASP E 15 1.75 -17.64 -58.26
C ASP E 15 2.75 -18.26 -57.32
N TYR E 16 3.70 -17.46 -56.82
CA TYR E 16 4.82 -18.00 -56.07
C TYR E 16 4.96 -17.50 -54.64
N THR E 17 4.27 -16.41 -54.30
CA THR E 17 4.38 -15.84 -52.96
C THR E 17 3.38 -16.51 -52.01
N PRO E 18 3.91 -17.14 -50.95
CA PRO E 18 3.05 -17.79 -49.95
C PRO E 18 1.95 -16.86 -49.47
N MET E 19 0.78 -17.40 -49.21
CA MET E 19 -0.31 -16.61 -48.67
C MET E 19 0.03 -16.17 -47.26
N GLU E 20 0.69 -17.05 -46.51
CA GLU E 20 1.14 -16.70 -45.17
C GLU E 20 1.94 -15.40 -45.22
N PHE E 21 2.85 -15.30 -46.17
CA PHE E 21 3.74 -14.15 -46.26
C PHE E 21 2.97 -12.86 -46.49
N VAL E 22 1.96 -12.92 -47.36
CA VAL E 22 1.18 -11.75 -47.69
C VAL E 22 0.45 -11.22 -46.47
N ILE E 23 -0.07 -12.13 -45.66
CA ILE E 23 -0.72 -11.74 -44.42
C ILE E 23 0.28 -11.08 -43.48
N ASP E 24 1.44 -11.72 -43.33
CA ASP E 24 2.53 -11.20 -42.52
C ASP E 24 2.81 -9.75 -42.90
N VAL E 25 2.87 -9.49 -44.20
CA VAL E 25 3.11 -8.15 -44.71
C VAL E 25 2.03 -7.18 -44.28
N LEU E 26 0.78 -7.59 -44.44
CA LEU E 26 -0.34 -6.69 -44.19
C LEU E 26 -0.44 -6.26 -42.73
N GLN E 27 -0.10 -7.18 -41.82
CA GLN E 27 -0.12 -6.86 -40.41
C GLN E 27 1.06 -5.97 -40.05
N LYS E 28 2.20 -6.29 -40.64
CA LYS E 28 3.47 -5.65 -40.28
C LYS E 28 3.53 -4.20 -40.76
N PHE E 29 3.10 -3.97 -41.99
CA PHE E 29 3.24 -2.66 -42.62
C PHE E 29 1.94 -1.86 -42.68
N PHE E 30 0.80 -2.52 -42.54
CA PHE E 30 -0.47 -1.80 -42.61
C PHE E 30 -1.26 -1.91 -41.30
N SER E 31 -0.61 -2.48 -40.28
CA SER E 31 -1.22 -2.58 -38.97
C SER E 31 -2.63 -3.14 -39.06
N TYR E 32 -2.86 -4.04 -40.01
CA TYR E 32 -4.14 -4.70 -40.13
C TYR E 32 -4.25 -5.81 -39.11
N ASP E 33 -5.46 -6.04 -38.60
CA ASP E 33 -5.71 -7.21 -37.78
C ASP E 33 -5.69 -8.41 -38.70
N VAL E 34 -5.61 -9.61 -38.13
CA VAL E 34 -5.42 -10.82 -38.92
C VAL E 34 -6.62 -11.15 -39.81
N GLU E 35 -7.83 -10.91 -39.32
CA GLU E 35 -9.03 -11.20 -40.10
C GLU E 35 -9.06 -10.36 -41.38
N ARG E 36 -8.82 -9.06 -41.23
CA ARG E 36 -8.73 -8.15 -42.37
C ARG E 36 -7.69 -8.60 -43.39
N ALA E 37 -6.49 -8.87 -42.88
CA ALA E 37 -5.37 -9.23 -43.73
C ALA E 37 -5.74 -10.42 -44.62
N THR E 38 -6.52 -11.34 -44.08
CA THR E 38 -6.90 -12.53 -44.82
C THR E 38 -7.81 -12.18 -45.98
N GLN E 39 -8.76 -11.30 -45.73
CA GLN E 39 -9.70 -10.89 -46.75
C GLN E 39 -8.95 -10.26 -47.92
N LEU E 40 -8.09 -9.30 -47.60
CA LEU E 40 -7.32 -8.62 -48.63
C LEU E 40 -6.46 -9.61 -49.40
N MET E 41 -5.87 -10.56 -48.69
CA MET E 41 -5.00 -11.54 -49.33
C MET E 41 -5.80 -12.35 -50.35
N LEU E 42 -7.03 -12.71 -49.98
CA LEU E 42 -7.91 -13.46 -50.86
C LEU E 42 -8.30 -12.63 -52.07
N ALA E 43 -8.40 -11.33 -51.84
CA ALA E 43 -8.65 -10.38 -52.90
C ALA E 43 -7.48 -10.35 -53.86
N VAL E 44 -6.26 -10.43 -53.34
CA VAL E 44 -5.10 -10.41 -54.20
C VAL E 44 -5.05 -11.67 -55.03
N HIS E 45 -5.34 -12.80 -54.39
CA HIS E 45 -5.25 -14.10 -55.03
C HIS E 45 -6.23 -14.26 -56.19
N TYR E 46 -7.47 -13.85 -55.97
CA TYR E 46 -8.54 -14.14 -56.93
C TYR E 46 -8.81 -13.00 -57.89
N GLN E 47 -8.70 -11.77 -57.41
CA GLN E 47 -8.88 -10.60 -58.24
C GLN E 47 -7.57 -10.17 -58.89
N GLY E 48 -6.46 -10.75 -58.43
CA GLY E 48 -5.17 -10.49 -59.04
C GLY E 48 -4.52 -9.22 -58.51
N LYS E 49 -5.25 -8.52 -57.66
CA LYS E 49 -4.74 -7.29 -57.05
C LYS E 49 -5.69 -6.85 -55.96
N ALA E 50 -5.18 -6.07 -55.01
CA ALA E 50 -6.01 -5.56 -53.94
C ALA E 50 -5.39 -4.29 -53.36
N ILE E 51 -6.23 -3.28 -53.16
CA ILE E 51 -5.79 -2.02 -52.56
C ILE E 51 -5.69 -2.16 -51.05
N CYS E 52 -4.49 -1.97 -50.51
CA CYS E 52 -4.20 -2.18 -49.09
C CYS E 52 -4.37 -0.92 -48.26
N GLY E 53 -4.11 0.23 -48.87
CA GLY E 53 -4.28 1.49 -48.18
C GLY E 53 -4.27 2.67 -49.12
N VAL E 54 -4.70 3.82 -48.61
CA VAL E 54 -4.62 5.07 -49.36
C VAL E 54 -3.88 6.07 -48.50
N PHE E 55 -2.73 6.53 -48.98
CA PHE E 55 -1.87 7.39 -48.19
C PHE E 55 -1.49 8.62 -49.00
N THR E 56 -0.88 9.59 -48.33
CA THR E 56 -0.34 10.73 -49.04
C THR E 56 0.86 10.24 -49.82
N ALA E 57 1.20 10.94 -50.89
CA ALA E 57 2.27 10.51 -51.79
C ALA E 57 3.54 10.04 -51.06
N GLU E 58 4.06 10.87 -50.16
CA GLU E 58 5.34 10.56 -49.50
C GLU E 58 5.24 9.30 -48.66
N VAL E 59 4.13 9.15 -47.93
CA VAL E 59 3.90 7.97 -47.12
C VAL E 59 3.78 6.72 -47.97
N ALA E 60 3.13 6.86 -49.13
CA ALA E 60 2.88 5.75 -50.02
C ALA E 60 4.20 5.24 -50.63
N GLU E 61 5.04 6.16 -51.09
CA GLU E 61 6.34 5.80 -51.63
C GLU E 61 7.13 4.99 -50.63
N THR E 62 7.24 5.52 -49.42
CA THR E 62 7.95 4.85 -48.35
C THR E 62 7.43 3.42 -48.21
N LYS E 63 6.11 3.27 -48.07
CA LYS E 63 5.48 1.96 -47.90
C LYS E 63 5.91 0.98 -48.98
N VAL E 64 5.69 1.37 -50.23
CA VAL E 64 6.02 0.51 -51.36
C VAL E 64 7.45 0.03 -51.25
N ALA E 65 8.37 0.96 -51.03
CA ALA E 65 9.80 0.65 -51.00
C ALA E 65 10.15 -0.32 -49.88
N MET E 66 9.48 -0.19 -48.75
CA MET E 66 9.77 -1.03 -47.60
C MET E 66 9.22 -2.44 -47.80
N VAL E 67 8.09 -2.50 -48.47
CA VAL E 67 7.41 -3.76 -48.72
C VAL E 67 8.23 -4.60 -49.69
N ASN E 68 8.61 -3.97 -50.79
CA ASN E 68 9.41 -4.63 -51.80
C ASN E 68 10.73 -5.08 -51.21
N LYS E 69 11.35 -4.19 -50.44
CA LYS E 69 12.57 -4.50 -49.73
C LYS E 69 12.40 -5.77 -48.89
N TYR E 70 11.32 -5.81 -48.13
CA TYR E 70 11.06 -6.90 -47.22
C TYR E 70 10.82 -8.18 -48.01
N ALA E 71 10.17 -8.02 -49.17
CA ALA E 71 9.82 -9.16 -49.99
C ALA E 71 11.08 -9.80 -50.55
N ARG E 72 12.00 -8.96 -51.01
CA ARG E 72 13.20 -9.44 -51.68
C ARG E 72 14.17 -10.11 -50.70
N GLU E 73 14.25 -9.60 -49.48
CA GLU E 73 15.15 -10.19 -48.49
C GLU E 73 14.59 -11.52 -47.97
N ASN E 74 13.29 -11.72 -48.16
CA ASN E 74 12.68 -13.02 -47.88
C ASN E 74 12.57 -13.84 -49.16
N GLU E 75 13.14 -13.29 -50.24
CA GLU E 75 13.30 -14.01 -51.49
C GLU E 75 11.96 -14.42 -52.10
N HIS E 76 11.06 -13.44 -52.17
CA HIS E 76 9.74 -13.61 -52.76
C HIS E 76 9.58 -12.60 -53.87
N PRO E 77 8.76 -12.95 -54.87
CA PRO E 77 8.56 -12.10 -56.06
C PRO E 77 7.52 -11.02 -55.84
N LEU E 78 6.89 -11.03 -54.67
CA LEU E 78 5.72 -10.19 -54.42
C LEU E 78 5.97 -8.73 -54.75
N LEU E 79 5.01 -8.09 -55.41
CA LEU E 79 5.16 -6.71 -55.83
C LEU E 79 4.12 -5.78 -55.22
N CYS E 80 4.63 -4.68 -54.65
CA CYS E 80 3.84 -3.64 -54.05
C CYS E 80 4.08 -2.39 -54.90
N THR E 81 3.02 -1.69 -55.25
CA THR E 81 3.16 -0.56 -56.15
C THR E 81 2.05 0.47 -55.85
N LEU E 82 2.05 1.58 -56.58
CA LEU E 82 1.18 2.72 -56.33
C LEU E 82 0.34 3.05 -57.52
N GLU E 83 -0.66 3.85 -57.25
CA GLU E 83 -1.46 4.34 -58.33
C GLU E 83 -2.12 5.61 -57.84
N LYS E 84 -1.97 6.66 -58.64
CA LYS E 84 -2.67 7.90 -58.37
C LYS E 84 -4.13 7.60 -58.06
N ALA E 85 -4.57 7.93 -56.86
CA ALA E 85 -5.95 7.72 -56.48
C ALA E 85 -6.89 8.57 -57.33
N LEU F 1 5.23 51.18 -14.75
CA LEU F 1 6.04 49.98 -14.75
C LEU F 1 6.44 49.63 -16.17
N LYS F 2 7.14 48.53 -16.34
CA LYS F 2 7.49 48.07 -17.66
C LYS F 2 6.46 47.06 -18.12
N PRO F 3 5.53 47.46 -18.99
CA PRO F 3 4.62 46.43 -19.50
C PRO F 3 5.33 45.58 -20.54
N PRO F 4 4.95 44.30 -20.63
CA PRO F 4 5.61 43.39 -21.57
C PRO F 4 5.41 43.83 -23.01
N SER F 5 6.45 43.71 -23.81
CA SER F 5 6.36 44.03 -25.23
C SER F 5 5.80 42.81 -25.92
N MET F 6 4.73 42.98 -26.67
CA MET F 6 4.06 41.84 -27.28
C MET F 6 4.39 41.76 -28.76
N TYR F 7 4.66 40.55 -29.24
CA TYR F 7 4.95 40.31 -30.64
C TYR F 7 4.04 39.25 -31.23
N LYS F 8 3.46 39.56 -32.39
CA LYS F 8 2.71 38.58 -33.16
C LYS F 8 3.70 37.58 -33.74
N VAL F 9 3.36 36.30 -33.61
CA VAL F 9 4.10 35.25 -34.33
C VAL F 9 3.25 34.82 -35.52
N ILE F 10 3.80 35.00 -36.71
CA ILE F 10 3.05 34.82 -37.94
C ILE F 10 3.59 33.65 -38.75
N LEU F 11 2.71 33.03 -39.52
CA LEU F 11 3.11 32.02 -40.50
C LEU F 11 2.84 32.54 -41.89
N VAL F 12 3.82 32.40 -42.77
CA VAL F 12 3.69 32.92 -44.12
C VAL F 12 3.54 31.82 -45.17
N ASN F 13 2.69 32.11 -46.16
CA ASN F 13 2.25 31.13 -47.13
C ASN F 13 3.30 30.85 -48.20
N ASP F 14 3.45 29.57 -48.53
CA ASP F 14 4.27 29.15 -49.66
C ASP F 14 3.61 27.94 -50.28
N ASP F 15 3.93 27.67 -51.54
CA ASP F 15 3.20 26.67 -52.31
C ASP F 15 3.70 25.25 -52.10
N TYR F 16 4.66 25.05 -51.21
CA TYR F 16 5.35 23.77 -51.12
C TYR F 16 5.26 23.05 -49.77
N THR F 17 4.78 23.75 -48.75
CA THR F 17 4.65 23.14 -47.44
C THR F 17 3.32 22.43 -47.35
N PRO F 18 3.34 21.13 -47.05
CA PRO F 18 2.11 20.35 -46.86
C PRO F 18 1.21 20.99 -45.83
N MET F 19 -0.09 20.96 -46.08
CA MET F 19 -1.04 21.48 -45.12
C MET F 19 -0.98 20.63 -43.85
N GLU F 20 -0.77 19.33 -44.02
CA GLU F 20 -0.60 18.44 -42.88
C GLU F 20 0.45 18.99 -41.94
N PHE F 21 1.59 19.36 -42.51
CA PHE F 21 2.71 19.80 -41.71
C PHE F 21 2.38 21.04 -40.88
N VAL F 22 1.76 22.02 -41.52
CA VAL F 22 1.38 23.25 -40.85
C VAL F 22 0.51 22.98 -39.64
N ILE F 23 -0.41 22.03 -39.77
CA ILE F 23 -1.28 21.67 -38.65
C ILE F 23 -0.47 21.00 -37.55
N ASP F 24 0.46 20.14 -37.95
CA ASP F 24 1.35 19.47 -37.02
C ASP F 24 2.08 20.51 -36.20
N VAL F 25 2.60 21.52 -36.87
CA VAL F 25 3.29 22.61 -36.23
C VAL F 25 2.40 23.31 -35.20
N LEU F 26 1.19 23.66 -35.61
CA LEU F 26 0.30 24.44 -34.77
C LEU F 26 -0.05 23.74 -33.47
N GLN F 27 -0.20 22.42 -33.53
CA GLN F 27 -0.55 21.67 -32.34
C GLN F 27 0.67 21.49 -31.47
N LYS F 28 1.82 21.34 -32.12
CA LYS F 28 3.06 21.00 -31.45
C LYS F 28 3.63 22.19 -30.71
N PHE F 29 3.63 23.35 -31.36
CA PHE F 29 4.26 24.53 -30.82
C PHE F 29 3.28 25.54 -30.23
N PHE F 30 2.00 25.45 -30.59
CA PHE F 30 1.02 26.40 -30.08
C PHE F 30 -0.12 25.74 -29.32
N SER F 31 0.05 24.44 -29.05
CA SER F 31 -0.93 23.71 -28.24
C SER F 31 -2.35 23.95 -28.73
N TYR F 32 -2.49 24.19 -30.04
CA TYR F 32 -3.81 24.31 -30.64
C TYR F 32 -4.44 22.95 -30.76
N ASP F 33 -5.76 22.89 -30.53
CA ASP F 33 -6.50 21.68 -30.84
C ASP F 33 -6.58 21.58 -32.35
N VAL F 34 -6.95 20.42 -32.86
CA VAL F 34 -6.92 20.17 -34.28
C VAL F 34 -7.86 21.11 -35.06
N GLU F 35 -9.05 21.35 -34.54
CA GLU F 35 -10.02 22.21 -35.22
C GLU F 35 -9.43 23.59 -35.49
N ARG F 36 -8.95 24.24 -34.43
CA ARG F 36 -8.36 25.56 -34.55
C ARG F 36 -7.20 25.53 -35.54
N ALA F 37 -6.31 24.56 -35.36
CA ALA F 37 -5.13 24.46 -36.19
C ALA F 37 -5.50 24.51 -37.67
N THR F 38 -6.59 23.84 -38.01
CA THR F 38 -7.04 23.77 -39.39
C THR F 38 -7.49 25.14 -39.89
N GLN F 39 -8.28 25.83 -39.08
CA GLN F 39 -8.75 27.17 -39.45
C GLN F 39 -7.56 28.06 -39.77
N LEU F 40 -6.61 28.10 -38.84
CA LEU F 40 -5.43 28.94 -39.04
C LEU F 40 -4.73 28.57 -40.33
N MET F 41 -4.56 27.27 -40.55
CA MET F 41 -3.86 26.81 -41.74
C MET F 41 -4.56 27.29 -43.00
N LEU F 42 -5.88 27.27 -42.99
CA LEU F 42 -6.67 27.75 -44.12
C LEU F 42 -6.45 29.23 -44.34
N ALA F 43 -6.29 29.96 -43.24
CA ALA F 43 -6.03 31.39 -43.31
C ALA F 43 -4.69 31.62 -43.99
N VAL F 44 -3.69 30.85 -43.59
CA VAL F 44 -2.37 31.00 -44.19
C VAL F 44 -2.47 30.71 -45.67
N HIS F 45 -3.25 29.71 -46.01
CA HIS F 45 -3.34 29.24 -47.39
C HIS F 45 -4.05 30.25 -48.28
N TYR F 46 -5.15 30.80 -47.78
CA TYR F 46 -5.99 31.69 -48.58
C TYR F 46 -5.56 33.15 -48.51
N GLN F 47 -5.20 33.59 -47.29
CA GLN F 47 -4.81 34.97 -47.06
C GLN F 47 -3.34 35.23 -47.28
N GLY F 48 -2.54 34.17 -47.30
CA GLY F 48 -1.11 34.29 -47.52
C GLY F 48 -0.32 34.46 -46.23
N LYS F 49 -1.03 34.50 -45.11
CA LYS F 49 -0.41 34.66 -43.80
C LYS F 49 -1.47 34.55 -42.69
N ALA F 50 -1.02 34.23 -41.48
CA ALA F 50 -1.95 34.11 -40.36
C ALA F 50 -1.23 34.25 -39.02
N ILE F 51 -1.82 35.04 -38.12
CA ILE F 51 -1.25 35.22 -36.80
C ILE F 51 -1.62 34.04 -35.91
N CYS F 52 -0.59 33.32 -35.48
CA CYS F 52 -0.78 32.11 -34.69
C CYS F 52 -0.89 32.42 -33.21
N GLY F 53 -0.14 33.41 -32.75
CA GLY F 53 -0.19 33.77 -31.35
C GLY F 53 0.39 35.14 -31.08
N VAL F 54 0.15 35.64 -29.87
CA VAL F 54 0.78 36.85 -29.42
C VAL F 54 1.47 36.56 -28.11
N PHE F 55 2.77 36.82 -28.07
CA PHE F 55 3.60 36.48 -26.92
C PHE F 55 4.55 37.63 -26.56
N THR F 56 5.18 37.51 -25.40
CA THR F 56 6.21 38.47 -25.01
C THR F 56 7.42 38.28 -25.91
N ALA F 57 8.20 39.33 -26.09
CA ALA F 57 9.29 39.32 -27.07
C ALA F 57 10.19 38.09 -26.94
N GLU F 58 10.53 37.72 -25.71
CA GLU F 58 11.45 36.60 -25.50
C GLU F 58 10.80 35.29 -25.91
N VAL F 59 9.55 35.10 -25.49
CA VAL F 59 8.83 33.89 -25.86
C VAL F 59 8.65 33.81 -27.38
N ALA F 60 8.36 34.95 -28.00
CA ALA F 60 8.12 35.00 -29.43
C ALA F 60 9.36 34.62 -30.24
N GLU F 61 10.50 35.19 -29.89
CA GLU F 61 11.76 34.83 -30.53
C GLU F 61 11.97 33.33 -30.49
N THR F 62 11.86 32.77 -29.29
CA THR F 62 12.05 31.33 -29.09
C THR F 62 11.18 30.54 -30.06
N LYS F 63 9.88 30.83 -30.05
CA LYS F 63 8.94 30.13 -30.91
C LYS F 63 9.41 30.15 -32.36
N VAL F 64 9.63 31.34 -32.89
CA VAL F 64 10.02 31.48 -34.29
C VAL F 64 11.22 30.61 -34.63
N ALA F 65 12.24 30.65 -33.77
CA ALA F 65 13.48 29.91 -34.01
C ALA F 65 13.23 28.42 -33.99
N MET F 66 12.38 27.96 -33.07
CA MET F 66 12.07 26.54 -32.94
C MET F 66 11.24 26.03 -34.12
N VAL F 67 10.35 26.89 -34.62
CA VAL F 67 9.49 26.54 -35.73
C VAL F 67 10.31 26.40 -37.00
N ASN F 68 11.13 27.41 -37.28
CA ASN F 68 11.93 27.42 -38.49
C ASN F 68 12.88 26.24 -38.54
N LYS F 69 13.52 25.95 -37.41
CA LYS F 69 14.46 24.83 -37.37
C LYS F 69 13.74 23.52 -37.68
N TYR F 70 12.54 23.38 -37.12
CA TYR F 70 11.73 22.19 -37.29
C TYR F 70 11.34 21.99 -38.74
N ALA F 71 11.01 23.09 -39.41
CA ALA F 71 10.63 23.04 -40.81
C ALA F 71 11.81 22.55 -41.63
N ARG F 72 12.98 23.07 -41.31
CA ARG F 72 14.18 22.74 -42.07
C ARG F 72 14.59 21.29 -41.86
N GLU F 73 14.48 20.77 -40.64
CA GLU F 73 14.85 19.38 -40.43
C GLU F 73 13.84 18.45 -41.07
N ASN F 74 12.64 18.96 -41.34
CA ASN F 74 11.67 18.22 -42.14
C ASN F 74 11.70 18.69 -43.59
N GLU F 75 12.67 19.56 -43.88
CA GLU F 75 12.97 19.93 -45.25
C GLU F 75 11.79 20.60 -45.94
N HIS F 76 11.18 21.54 -45.23
CA HIS F 76 10.07 22.32 -45.78
C HIS F 76 10.44 23.80 -45.74
N PRO F 77 9.92 24.57 -46.70
CA PRO F 77 10.26 25.98 -46.90
C PRO F 77 9.53 26.91 -45.92
N LEU F 78 8.48 26.41 -45.29
CA LEU F 78 7.62 27.23 -44.44
C LEU F 78 8.40 28.24 -43.60
N LEU F 79 7.91 29.47 -43.59
CA LEU F 79 8.60 30.56 -42.90
C LEU F 79 7.79 31.12 -41.73
N CYS F 80 8.43 31.21 -40.57
CA CYS F 80 7.82 31.81 -39.39
C CYS F 80 8.51 33.12 -39.03
N THR F 81 7.73 34.17 -38.79
CA THR F 81 8.29 35.50 -38.55
C THR F 81 7.71 36.18 -37.31
N LEU F 82 8.32 37.30 -36.91
CA LEU F 82 7.81 38.12 -35.82
C LEU F 82 7.40 39.48 -36.33
N GLU F 83 6.41 40.07 -35.68
CA GLU F 83 6.04 41.45 -35.96
C GLU F 83 5.60 42.09 -34.65
N LYS F 84 6.02 43.31 -34.41
CA LYS F 84 5.58 44.02 -33.22
C LYS F 84 4.06 44.11 -33.24
N ALA F 85 3.46 43.90 -32.08
CA ALA F 85 2.01 44.02 -31.91
C ALA F 85 1.52 45.40 -32.34
N LEU G 1 0.99 50.03 28.80
CA LEU G 1 1.60 49.30 27.69
C LEU G 1 1.73 50.18 26.46
N LYS G 2 2.48 49.70 25.47
CA LYS G 2 2.61 50.41 24.21
C LYS G 2 1.52 49.97 23.23
N PRO G 3 0.62 50.89 22.88
CA PRO G 3 -0.41 50.66 21.86
C PRO G 3 0.23 50.35 20.52
N PRO G 4 -0.50 49.64 19.64
CA PRO G 4 -0.01 49.35 18.30
C PRO G 4 0.27 50.63 17.50
N SER G 5 1.39 50.66 16.79
CA SER G 5 1.66 51.70 15.81
C SER G 5 1.60 51.09 14.41
N MET G 6 0.70 51.59 13.58
CA MET G 6 0.44 50.99 12.28
C MET G 6 1.14 51.76 11.17
N TYR G 7 1.77 51.02 10.26
CA TYR G 7 2.51 51.62 9.18
C TYR G 7 2.07 51.08 7.83
N LYS G 8 1.80 52.00 6.91
CA LYS G 8 1.51 51.63 5.54
C LYS G 8 2.78 51.06 4.92
N VAL G 9 2.64 49.98 4.17
CA VAL G 9 3.71 49.49 3.33
C VAL G 9 3.33 49.82 1.90
N ILE G 10 4.14 50.64 1.25
CA ILE G 10 3.78 51.17 -0.06
C ILE G 10 4.76 50.73 -1.13
N LEU G 11 4.25 50.56 -2.35
CA LEU G 11 5.10 50.30 -3.51
C LEU G 11 5.09 51.51 -4.42
N VAL G 12 6.28 51.87 -4.91
CA VAL G 12 6.41 53.10 -5.68
C VAL G 12 6.81 52.81 -7.12
N ASN G 13 6.11 53.50 -8.02
CA ASN G 13 6.21 53.25 -9.45
C ASN G 13 7.54 53.67 -10.06
N ASP G 14 8.04 52.83 -10.95
CA ASP G 14 9.20 53.13 -11.78
C ASP G 14 9.00 52.46 -13.14
N ASP G 15 9.65 52.98 -14.16
CA ASP G 15 9.37 52.57 -15.53
C ASP G 15 10.12 51.31 -15.97
N TYR G 16 10.79 50.65 -15.04
CA TYR G 16 11.72 49.57 -15.42
C TYR G 16 11.46 48.24 -14.74
N THR G 17 10.53 48.20 -13.79
CA THR G 17 10.22 46.95 -13.13
C THR G 17 9.06 46.26 -13.84
N PRO G 18 9.29 45.02 -14.33
CA PRO G 18 8.25 44.23 -14.97
C PRO G 18 6.99 44.13 -14.14
N MET G 19 5.83 44.22 -14.78
CA MET G 19 4.57 44.07 -14.08
C MET G 19 4.46 42.66 -13.52
N GLU G 20 5.00 41.69 -14.25
CA GLU G 20 5.06 40.32 -13.78
C GLU G 20 5.69 40.25 -12.39
N PHE G 21 6.84 40.90 -12.25
CA PHE G 21 7.61 40.86 -11.00
C PHE G 21 6.82 41.42 -9.83
N VAL G 22 6.11 42.52 -10.07
CA VAL G 22 5.36 43.17 -9.01
C VAL G 22 4.31 42.20 -8.48
N ILE G 23 3.64 41.50 -9.38
CA ILE G 23 2.63 40.53 -8.99
C ILE G 23 3.26 39.40 -8.19
N ASP G 24 4.39 38.92 -8.67
CA ASP G 24 5.14 37.89 -8.00
C ASP G 24 5.38 38.30 -6.55
N VAL G 25 5.79 39.55 -6.39
CA VAL G 25 6.08 40.10 -5.06
C VAL G 25 4.84 40.05 -4.18
N LEU G 26 3.73 40.57 -4.69
CA LEU G 26 2.51 40.70 -3.90
C LEU G 26 2.01 39.36 -3.38
N GLN G 27 2.12 38.32 -4.20
CA GLN G 27 1.68 36.99 -3.80
C GLN G 27 2.63 36.37 -2.80
N LYS G 28 3.91 36.64 -3.01
CA LYS G 28 4.97 36.02 -2.25
C LYS G 28 5.06 36.58 -0.85
N PHE G 29 4.96 37.91 -0.75
CA PHE G 29 5.19 38.60 0.51
C PHE G 29 3.91 39.07 1.18
N PHE G 30 2.82 39.19 0.44
CA PHE G 30 1.57 39.68 1.04
C PHE G 30 0.46 38.64 0.94
N SER G 31 0.84 37.44 0.50
CA SER G 31 -0.10 36.33 0.42
C SER G 31 -1.39 36.75 -0.28
N TYR G 32 -1.24 37.63 -1.28
CA TYR G 32 -2.37 38.05 -2.08
C TYR G 32 -2.69 37.01 -3.14
N ASP G 33 -3.98 36.82 -3.41
CA ASP G 33 -4.39 36.00 -4.54
C ASP G 33 -4.06 36.77 -5.80
N VAL G 34 -4.02 36.08 -6.92
CA VAL G 34 -3.51 36.70 -8.15
C VAL G 34 -4.38 37.86 -8.63
N GLU G 35 -5.70 37.75 -8.48
CA GLU G 35 -6.61 38.77 -8.98
C GLU G 35 -6.36 40.08 -8.25
N ARG G 36 -6.29 39.99 -6.92
CA ARG G 36 -5.95 41.11 -6.08
C ARG G 36 -4.63 41.76 -6.48
N ALA G 37 -3.57 40.95 -6.51
CA ALA G 37 -2.23 41.41 -6.87
C ALA G 37 -2.24 42.22 -8.17
N THR G 38 -3.06 41.83 -9.12
CA THR G 38 -3.10 42.53 -10.41
C THR G 38 -3.66 43.92 -10.23
N GLN G 39 -4.72 44.01 -9.43
CA GLN G 39 -5.36 45.28 -9.17
C GLN G 39 -4.40 46.27 -8.54
N LEU G 40 -3.71 45.84 -7.50
CA LEU G 40 -2.72 46.69 -6.83
C LEU G 40 -1.64 47.12 -7.81
N MET G 41 -1.19 46.17 -8.63
CA MET G 41 -0.12 46.45 -9.58
C MET G 41 -0.54 47.56 -10.54
N LEU G 42 -1.80 47.51 -10.98
CA LEU G 42 -2.32 48.54 -11.87
C LEU G 42 -2.39 49.89 -11.20
N ALA G 43 -2.61 49.88 -9.89
CA ALA G 43 -2.66 51.11 -9.11
C ALA G 43 -1.27 51.73 -9.08
N VAL G 44 -0.26 50.91 -8.81
CA VAL G 44 1.10 51.40 -8.77
C VAL G 44 1.47 52.01 -10.10
N HIS G 45 1.10 51.34 -11.17
CA HIS G 45 1.49 51.74 -12.52
C HIS G 45 0.85 53.08 -12.91
N TYR G 46 -0.43 53.25 -12.60
CA TYR G 46 -1.15 54.43 -13.06
C TYR G 46 -1.19 55.55 -12.02
N GLN G 47 -1.37 55.18 -10.75
CA GLN G 47 -1.39 56.16 -9.67
CA GLN G 47 -1.39 56.16 -9.67
C GLN G 47 0.03 56.52 -9.24
N GLY G 48 0.98 55.65 -9.58
CA GLY G 48 2.38 55.87 -9.26
C GLY G 48 2.74 55.29 -7.91
N LYS G 49 1.76 54.74 -7.22
CA LYS G 49 2.00 54.16 -5.90
C LYS G 49 0.76 53.41 -5.45
N ALA G 50 0.94 52.51 -4.49
CA ALA G 50 -0.18 51.75 -3.99
C ALA G 50 0.13 51.14 -2.62
N ILE G 51 -0.80 51.30 -1.70
CA ILE G 51 -0.66 50.70 -0.38
C ILE G 51 -0.95 49.23 -0.46
N CYS G 52 0.04 48.41 -0.10
CA CYS G 52 -0.10 46.95 -0.18
C CYS G 52 -0.65 46.35 1.11
N GLY G 53 -0.25 46.90 2.24
CA GLY G 53 -0.71 46.40 3.51
C GLY G 53 -0.53 47.40 4.62
N VAL G 54 -1.18 47.14 5.75
CA VAL G 54 -1.02 47.96 6.95
C VAL G 54 -0.63 47.05 8.10
N PHE G 55 0.57 47.24 8.63
CA PHE G 55 1.11 46.33 9.61
C PHE G 55 1.67 47.07 10.81
N THR G 56 1.92 46.36 11.90
CA THR G 56 2.59 46.94 13.04
C THR G 56 3.99 47.33 12.61
N ALA G 57 4.55 48.33 13.29
CA ALA G 57 5.84 48.89 12.91
C ALA G 57 6.91 47.83 12.65
N GLU G 58 7.02 46.85 13.55
CA GLU G 58 8.06 45.83 13.40
C GLU G 58 7.82 44.97 12.17
N VAL G 59 6.58 44.53 11.99
CA VAL G 59 6.23 43.70 10.84
C VAL G 59 6.46 44.47 9.55
N ALA G 60 6.09 45.74 9.55
CA ALA G 60 6.23 46.58 8.36
C ALA G 60 7.70 46.75 7.96
N GLU G 61 8.56 47.01 8.94
CA GLU G 61 9.98 47.16 8.69
C GLU G 61 10.51 45.92 8.00
N THR G 62 10.21 44.78 8.60
CA THR G 62 10.66 43.50 8.07
C THR G 62 10.25 43.35 6.61
N LYS G 63 8.97 43.56 6.34
CA LYS G 63 8.45 43.43 4.98
C LYS G 63 9.27 44.26 4.01
N VAL G 64 9.33 45.56 4.25
CA VAL G 64 10.04 46.48 3.38
C VAL G 64 11.45 45.97 3.07
N ALA G 65 12.16 45.55 4.11
CA ALA G 65 13.54 45.10 3.95
C ALA G 65 13.64 43.86 3.09
N MET G 66 12.67 42.96 3.25
CA MET G 66 12.66 41.72 2.51
C MET G 66 12.30 41.95 1.05
N VAL G 67 11.42 42.93 0.82
CA VAL G 67 10.97 43.24 -0.53
C VAL G 67 12.09 43.88 -1.32
N ASN G 68 12.72 44.89 -0.73
CA ASN G 68 13.78 45.59 -1.41
C ASN G 68 14.95 44.66 -1.65
N LYS G 69 15.23 43.80 -0.70
CA LYS G 69 16.31 42.84 -0.88
C LYS G 69 15.98 41.94 -2.06
N TYR G 70 14.74 41.47 -2.08
CA TYR G 70 14.28 40.55 -3.11
C TYR G 70 14.41 41.21 -4.47
N ALA G 71 14.04 42.47 -4.53
CA ALA G 71 14.05 43.22 -5.77
C ALA G 71 15.46 43.35 -6.32
N ARG G 72 16.41 43.61 -5.42
CA ARG G 72 17.78 43.85 -5.86
C ARG G 72 18.45 42.57 -6.36
N GLU G 73 18.21 41.44 -5.69
CA GLU G 73 18.81 40.21 -6.16
C GLU G 73 18.22 39.80 -7.50
N ASN G 74 17.04 40.34 -7.83
CA ASN G 74 16.47 40.18 -9.15
C ASN G 74 16.77 41.40 -10.01
N GLU G 75 17.60 42.28 -9.48
CA GLU G 75 18.15 43.40 -10.25
C GLU G 75 17.09 44.35 -10.80
N HIS G 76 16.15 44.75 -9.94
CA HIS G 76 15.11 45.69 -10.32
C HIS G 76 15.13 46.88 -9.38
N PRO G 77 14.68 48.03 -9.89
CA PRO G 77 14.69 49.28 -9.13
C PRO G 77 13.44 49.52 -8.29
N LEU G 78 12.54 48.54 -8.25
CA LEU G 78 11.27 48.71 -7.56
C LEU G 78 11.54 49.12 -6.13
N LEU G 79 10.76 50.07 -5.63
CA LEU G 79 11.01 50.58 -4.30
C LEU G 79 9.86 50.28 -3.35
N CYS G 80 10.17 49.65 -2.24
CA CYS G 80 9.19 49.43 -1.19
C CYS G 80 9.50 50.36 -0.02
N THR G 81 8.52 51.16 0.38
CA THR G 81 8.73 52.16 1.42
C THR G 81 7.69 52.02 2.53
N LEU G 82 7.91 52.73 3.64
CA LEU G 82 6.93 52.79 4.72
C LEU G 82 6.42 54.21 4.87
N GLU G 83 5.27 54.34 5.51
CA GLU G 83 4.76 55.64 5.91
C GLU G 83 3.87 55.47 7.12
N LYS G 84 4.10 56.28 8.14
CA LYS G 84 3.25 56.29 9.32
C LYS G 84 1.80 56.34 8.87
N ALA G 85 1.01 55.36 9.32
CA ALA G 85 -0.41 55.33 9.00
C ALA G 85 -1.13 56.44 9.74
N LEU H 1 -5.72 16.38 55.17
CA LEU H 1 -4.55 16.58 54.33
C LEU H 1 -4.17 18.05 54.31
N LYS H 2 -3.22 18.39 53.47
CA LYS H 2 -2.78 19.78 53.37
C LYS H 2 -3.28 20.38 52.07
N PRO H 3 -4.15 21.39 52.17
CA PRO H 3 -4.65 22.05 50.96
C PRO H 3 -3.59 22.95 50.33
N PRO H 4 -3.45 22.91 49.00
CA PRO H 4 -2.38 23.60 48.29
C PRO H 4 -2.23 25.05 48.71
N SER H 5 -1.00 25.56 48.65
CA SER H 5 -0.77 26.99 48.83
C SER H 5 -0.90 27.66 47.48
N MET H 6 -1.87 28.56 47.38
CA MET H 6 -2.19 29.18 46.11
C MET H 6 -1.57 30.56 45.98
N TYR H 7 -1.03 30.84 44.80
CA TYR H 7 -0.36 32.10 44.54
C TYR H 7 -0.93 32.78 43.31
N LYS H 8 -1.14 34.09 43.42
CA LYS H 8 -1.56 34.88 42.29
C LYS H 8 -0.37 35.20 41.41
N VAL H 9 -0.51 34.91 40.11
CA VAL H 9 0.47 35.32 39.12
C VAL H 9 -0.02 36.61 38.50
N ILE H 10 0.77 37.67 38.67
CA ILE H 10 0.33 39.00 38.30
C ILE H 10 1.22 39.58 37.21
N LEU H 11 0.62 40.33 36.30
CA LEU H 11 1.38 41.11 35.35
C LEU H 11 1.32 42.56 35.76
N VAL H 12 2.46 43.24 35.64
CA VAL H 12 2.57 44.62 36.06
C VAL H 12 2.75 45.51 34.84
N ASN H 13 2.07 46.66 34.85
CA ASN H 13 2.09 47.57 33.72
C ASN H 13 3.40 48.33 33.58
N ASP H 14 3.80 48.55 32.33
CA ASP H 14 4.91 49.43 32.00
C ASP H 14 4.64 50.05 30.64
N ASP H 15 5.27 51.18 30.36
CA ASP H 15 4.91 51.99 29.19
C ASP H 15 5.58 51.54 27.89
N TYR H 16 6.32 50.44 27.91
CA TYR H 16 7.16 50.09 26.78
C TYR H 16 6.91 48.71 26.19
N THR H 17 6.11 47.90 26.87
CA THR H 17 5.77 46.58 26.34
C THR H 17 4.54 46.68 25.46
N PRO H 18 4.69 46.28 24.18
CA PRO H 18 3.58 46.29 23.23
C PRO H 18 2.38 45.55 23.78
N MET H 19 1.19 46.05 23.51
CA MET H 19 -0.04 45.37 23.90
C MET H 19 -0.13 44.03 23.19
N GLU H 20 0.31 43.99 21.94
CA GLU H 20 0.37 42.75 21.17
C GLU H 20 1.05 41.67 21.99
N PHE H 21 2.24 42.00 22.48
CA PHE H 21 3.09 41.04 23.17
C PHE H 21 2.40 40.48 24.39
N VAL H 22 1.77 41.34 25.16
CA VAL H 22 1.10 40.92 26.39
C VAL H 22 0.04 39.87 26.07
N ILE H 23 -0.69 40.09 24.99
CA ILE H 23 -1.70 39.15 24.53
C ILE H 23 -1.03 37.83 24.13
N ASP H 24 0.04 37.95 23.36
CA ASP H 24 0.81 36.80 22.94
C ASP H 24 1.15 35.94 24.16
N VAL H 25 1.63 36.60 25.21
CA VAL H 25 1.99 35.96 26.46
C VAL H 25 0.83 35.22 27.10
N LEU H 26 -0.33 35.86 27.16
CA LEU H 26 -1.48 35.29 27.86
C LEU H 26 -2.00 34.03 27.20
N GLN H 27 -1.94 33.98 25.87
CA GLN H 27 -2.41 32.82 25.14
C GLN H 27 -1.40 31.70 25.26
N LYS H 28 -0.13 32.07 25.21
CA LYS H 28 0.96 31.12 25.17
C LYS H 28 1.14 30.41 26.50
N PHE H 29 1.12 31.17 27.59
CA PHE H 29 1.44 30.63 28.90
C PHE H 29 0.21 30.39 29.77
N PHE H 30 -0.92 31.00 29.43
CA PHE H 30 -2.12 30.82 30.25
C PHE H 30 -3.27 30.23 29.43
N SER H 31 -2.97 29.78 28.23
CA SER H 31 -3.96 29.13 27.38
C SER H 31 -5.29 29.87 27.38
N TYR H 32 -5.21 31.20 27.49
CA TYR H 32 -6.39 32.04 27.36
C TYR H 32 -6.79 32.14 25.91
N ASP H 33 -8.10 32.24 25.66
CA ASP H 33 -8.57 32.56 24.32
C ASP H 33 -8.30 34.03 24.06
N VAL H 34 -8.30 34.41 22.79
CA VAL H 34 -7.84 35.73 22.38
C VAL H 34 -8.66 36.87 23.02
N GLU H 35 -9.99 36.70 23.07
CA GLU H 35 -10.85 37.74 23.62
C GLU H 35 -10.53 38.01 25.08
N ARG H 36 -10.41 36.94 25.86
CA ARG H 36 -10.10 37.05 27.29
C ARG H 36 -8.75 37.71 27.51
N ALA H 37 -7.76 37.30 26.73
CA ALA H 37 -6.42 37.85 26.81
C ALA H 37 -6.47 39.37 26.67
N THR H 38 -7.35 39.85 25.79
CA THR H 38 -7.46 41.27 25.52
C THR H 38 -8.00 42.00 26.74
N GLN H 39 -9.00 41.42 27.38
CA GLN H 39 -9.58 42.00 28.57
C GLN H 39 -8.50 42.17 29.64
N LEU H 40 -7.77 41.10 29.90
CA LEU H 40 -6.73 41.12 30.93
C LEU H 40 -5.69 42.17 30.61
N MET H 41 -5.31 42.26 29.34
CA MET H 41 -4.32 43.22 28.92
C MET H 41 -4.80 44.64 29.23
N LEU H 42 -6.08 44.90 28.99
CA LEU H 42 -6.65 46.21 29.24
C LEU H 42 -6.63 46.52 30.73
N ALA H 43 -6.77 45.48 31.54
CA ALA H 43 -6.70 45.65 32.98
C ALA H 43 -5.30 46.09 33.38
N VAL H 44 -4.29 45.41 32.86
CA VAL H 44 -2.91 45.76 33.17
C VAL H 44 -2.62 47.20 32.81
N HIS H 45 -3.05 47.60 31.62
CA HIS H 45 -2.76 48.92 31.09
C HIS H 45 -3.38 50.04 31.93
N TYR H 46 -4.65 49.88 32.26
CA TYR H 46 -5.40 50.93 32.94
C TYR H 46 -5.27 50.85 34.46
N GLN H 47 -5.40 49.63 34.99
CA GLN H 47 -5.28 49.42 36.42
C GLN H 47 -3.82 49.34 36.86
N GLY H 48 -2.91 49.15 35.91
CA GLY H 48 -1.49 49.07 36.21
C GLY H 48 -1.06 47.68 36.64
N LYS H 49 -2.01 46.77 36.77
CA LYS H 49 -1.73 45.40 37.16
C LYS H 49 -2.95 44.52 36.96
N ALA H 50 -2.75 43.22 36.73
CA ALA H 50 -3.86 42.29 36.57
C ALA H 50 -3.46 40.88 36.99
N ILE H 51 -4.39 40.19 37.63
CA ILE H 51 -4.18 38.80 38.01
C ILE H 51 -4.54 37.89 36.85
N CYS H 52 -3.55 37.15 36.35
CA CYS H 52 -3.74 36.29 35.21
C CYS H 52 -4.21 34.91 35.62
N GLY H 53 -3.73 34.43 36.76
CA GLY H 53 -4.10 33.11 37.21
C GLY H 53 -3.82 32.89 38.67
N VAL H 54 -4.36 31.80 39.20
CA VAL H 54 -4.08 31.38 40.56
C VAL H 54 -3.65 29.92 40.52
N PHE H 55 -2.40 29.68 40.90
CA PHE H 55 -1.83 28.34 40.80
C PHE H 55 -1.23 27.90 42.13
N THR H 56 -0.90 26.62 42.22
CA THR H 56 -0.15 26.14 43.37
C THR H 56 1.23 26.78 43.31
N ALA H 57 1.88 26.89 44.46
CA ALA H 57 3.16 27.58 44.56
C ALA H 57 4.18 27.14 43.50
N GLU H 58 4.33 25.83 43.31
CA GLU H 58 5.32 25.30 42.38
C GLU H 58 4.99 25.70 40.94
N VAL H 59 3.72 25.55 40.56
CA VAL H 59 3.26 25.91 39.22
C VAL H 59 3.44 27.40 38.96
N ALA H 60 3.16 28.20 39.99
CA ALA H 60 3.23 29.65 39.89
C ALA H 60 4.66 30.12 39.67
N GLU H 61 5.60 29.58 40.46
CA GLU H 61 7.00 29.91 40.29
C GLU H 61 7.45 29.66 38.86
N THR H 62 7.14 28.47 38.37
CA THR H 62 7.51 28.09 37.01
C THR H 62 6.98 29.11 36.00
N LYS H 63 5.68 29.40 36.06
CA LYS H 63 5.04 30.35 35.16
C LYS H 63 5.81 31.68 35.13
N VAL H 64 6.00 32.27 36.29
CA VAL H 64 6.69 33.56 36.40
C VAL H 64 8.05 33.56 35.69
N ALA H 65 8.85 32.54 36.00
CA ALA H 65 10.21 32.46 35.47
C ALA H 65 10.21 32.34 33.95
N MET H 66 9.24 31.59 33.42
CA MET H 66 9.15 31.36 31.98
C MET H 66 8.69 32.62 31.26
N VAL H 67 7.77 33.34 31.90
CA VAL H 67 7.25 34.57 31.34
C VAL H 67 8.36 35.61 31.26
N ASN H 68 9.05 35.82 32.38
CA ASN H 68 10.15 36.76 32.42
C ASN H 68 11.22 36.36 31.41
N LYS H 69 11.50 35.07 31.30
CA LYS H 69 12.49 34.59 30.35
C LYS H 69 12.08 34.98 28.93
N TYR H 70 10.83 34.69 28.60
CA TYR H 70 10.29 34.97 27.28
C TYR H 70 10.31 36.47 26.98
N ALA H 71 10.05 37.28 28.00
CA ALA H 71 10.00 38.72 27.85
C ALA H 71 11.39 39.25 27.53
N ARG H 72 12.39 38.72 28.22
CA ARG H 72 13.75 39.21 28.10
C ARG H 72 14.38 38.85 26.76
N GLU H 73 14.05 37.69 26.23
CA GLU H 73 14.59 37.26 24.93
C GLU H 73 13.89 37.98 23.79
N ASN H 74 12.73 38.55 24.08
CA ASN H 74 12.06 39.42 23.11
C ASN H 74 12.36 40.88 23.44
N GLU H 75 13.20 41.08 24.44
CA GLU H 75 13.74 42.40 24.77
C GLU H 75 12.66 43.39 25.20
N HIS H 76 11.77 42.91 26.08
CA HIS H 76 10.69 43.71 26.64
C HIS H 76 10.81 43.77 28.14
N PRO H 77 10.49 44.93 28.72
CA PRO H 77 10.66 45.18 30.16
C PRO H 77 9.60 44.47 31.01
N LEU H 78 8.53 44.01 30.37
CA LEU H 78 7.39 43.46 31.08
C LEU H 78 7.79 42.61 32.29
N LEU H 79 7.16 42.87 33.43
CA LEU H 79 7.46 42.15 34.67
C LEU H 79 6.31 41.27 35.15
N CYS H 80 6.61 39.99 35.35
CA CYS H 80 5.66 39.07 35.96
C CYS H 80 6.09 38.77 37.39
N THR H 81 5.13 38.81 38.31
CA THR H 81 5.43 38.65 39.72
C THR H 81 4.48 37.67 40.38
N LEU H 82 4.82 37.22 41.59
CA LEU H 82 3.93 36.40 42.39
C LEU H 82 3.44 37.19 43.58
N GLU H 83 2.39 36.69 44.22
CA GLU H 83 1.91 37.23 45.47
C GLU H 83 1.05 36.17 46.12
N LYS H 84 1.31 35.89 47.39
CA LYS H 84 0.52 34.91 48.10
C LYS H 84 -0.95 35.27 47.97
N ALA H 85 -1.76 34.28 47.65
CA ALA H 85 -3.21 34.48 47.47
C ALA H 85 -3.90 34.71 48.81
#